data_3UPB
#
_entry.id   3UPB
#
_cell.length_a   55.045
_cell.length_b   86.197
_cell.length_c   140.547
_cell.angle_alpha   90.00
_cell.angle_beta   90.00
_cell.angle_gamma   90.00
#
_symmetry.space_group_name_H-M   'P 21 21 21'
#
loop_
_entity.id
_entity.type
_entity.pdbx_description
1 polymer Transaldolase
2 non-polymer 'HEXAETHYLENE GLYCOL'
3 non-polymer ARABINOSE-5-PHOSPHATE
4 non-polymer 'TRIETHYLENE GLYCOL'
5 non-polymer DI(HYDROXYETHYL)ETHER
6 water water
#
_entity_poly.entity_id   1
_entity_poly.type   'polypeptide(L)'
_entity_poly.pdbx_seq_one_letter_code
;MHHHHHHSSGVDLGTENLYFQSNAMQKSVLEQLKQVTMVVADTGDFELIKKYKPVDATTNPSLILKAVKEQKYSNLVAET
ISKVKANNPDLNSDDLVKEIAIEILVSFGIKILDVIEGKVSSEVDARVSFNSATTIDYAKRIIARYESNGIPKDRVLIKI
AATWEGIKAAKLLQKEGINCNLTLIFDKAQAKACAEAGVYLVSPFVGRITDWQMQQNNLKTFPAIADDDGVNSVKAIYKL
YKSHGFKTIVMGASFRNVEQVIALAGCDALTISPVLLEELKNRDEHLEVKLTKNDDVVTQSPQISEADFRWLMNENAMAT
HKLAEGIRLFTKDTIELENIIKQNL
;
_entity_poly.pdbx_strand_id   A,B
#
loop_
_chem_comp.id
_chem_comp.type
_chem_comp.name
_chem_comp.formula
A5P non-polymer ARABINOSE-5-PHOSPHATE 'C5 H13 O8 P'
P6G non-polymer 'HEXAETHYLENE GLYCOL' 'C12 H26 O7'
PEG non-polymer DI(HYDROXYETHYL)ETHER 'C4 H10 O3'
PGE non-polymer 'TRIETHYLENE GLYCOL' 'C6 H14 O4'
#
# COMPACT_ATOMS: atom_id res chain seq x y z
N MET A 25 -2.40 40.93 -30.48
CA MET A 25 -1.06 40.77 -29.80
CA MET A 25 -1.08 40.79 -29.76
C MET A 25 -1.06 39.51 -28.97
N GLN A 26 0.15 39.09 -28.56
CA GLN A 26 0.21 37.83 -27.83
C GLN A 26 0.12 38.09 -26.34
N LYS A 27 -0.73 37.30 -25.66
CA LYS A 27 -1.06 37.42 -24.26
C LYS A 27 -0.11 36.66 -23.35
N SER A 28 -0.35 36.73 -22.03
CA SER A 28 0.58 36.02 -21.14
C SER A 28 0.43 34.52 -21.27
N VAL A 29 1.45 33.81 -20.77
CA VAL A 29 1.38 32.33 -20.71
C VAL A 29 0.08 31.89 -19.96
N LEU A 30 -0.24 32.59 -18.86
CA LEU A 30 -1.46 32.27 -18.15
C LEU A 30 -2.71 32.41 -18.97
N GLU A 31 -2.81 33.56 -19.67
CA GLU A 31 -3.99 33.79 -20.39
C GLU A 31 -4.08 32.84 -21.63
N GLN A 32 -2.92 32.53 -22.19
CA GLN A 32 -2.87 31.58 -23.30
C GLN A 32 -3.33 30.19 -22.80
N LEU A 33 -2.93 29.85 -21.59
CA LEU A 33 -3.31 28.52 -21.03
C LEU A 33 -4.78 28.45 -20.84
N LYS A 34 -5.36 29.54 -20.32
CA LYS A 34 -6.74 29.56 -20.10
C LYS A 34 -7.58 29.32 -21.33
N GLN A 35 -6.99 29.72 -22.46
CA GLN A 35 -7.61 29.54 -23.72
CA GLN A 35 -7.71 29.52 -23.70
C GLN A 35 -7.81 28.08 -24.11
N VAL A 36 -6.86 27.23 -23.70
CA VAL A 36 -6.88 25.84 -24.09
C VAL A 36 -7.07 24.75 -22.99
N THR A 37 -7.13 25.22 -21.74
CA THR A 37 -7.20 24.32 -20.55
C THR A 37 -8.00 25.07 -19.50
N MET A 38 -8.83 24.34 -18.74
CA MET A 38 -9.53 24.97 -17.63
C MET A 38 -8.49 25.23 -16.47
N VAL A 39 -8.18 26.50 -16.19
CA VAL A 39 -7.22 26.89 -15.16
C VAL A 39 -7.90 26.93 -13.84
N VAL A 40 -7.31 26.21 -12.87
CA VAL A 40 -7.82 26.02 -11.55
C VAL A 40 -6.77 26.47 -10.57
N ALA A 41 -7.17 27.18 -9.52
CA ALA A 41 -6.22 27.63 -8.49
C ALA A 41 -6.18 26.65 -7.33
N ASP A 42 -4.97 26.27 -6.93
CA ASP A 42 -4.78 25.22 -5.89
C ASP A 42 -4.34 25.96 -4.60
N THR A 43 -5.32 26.36 -3.78
CA THR A 43 -5.05 27.10 -2.52
C THR A 43 -6.30 27.26 -1.69
N GLY A 44 -6.07 27.43 -0.38
CA GLY A 44 -7.14 27.84 0.55
C GLY A 44 -7.15 29.37 0.70
N ASP A 45 -6.18 30.07 0.13
CA ASP A 45 -6.00 31.54 0.31
C ASP A 45 -6.86 32.21 -0.74
N PHE A 46 -8.13 32.40 -0.44
CA PHE A 46 -9.09 32.99 -1.40
C PHE A 46 -8.76 34.38 -1.87
N GLU A 47 -8.07 35.13 -1.04
CA GLU A 47 -7.69 36.47 -1.38
CA GLU A 47 -7.73 36.48 -1.45
C GLU A 47 -6.73 36.47 -2.56
N LEU A 48 -5.93 35.42 -2.68
CA LEU A 48 -4.98 35.36 -3.78
C LEU A 48 -5.61 34.96 -5.12
N ILE A 49 -6.68 34.21 -5.03
CA ILE A 49 -7.36 33.65 -6.18
C ILE A 49 -7.85 34.70 -7.15
N LYS A 50 -8.36 35.83 -6.63
CA LYS A 50 -8.86 36.85 -7.51
C LYS A 50 -7.81 37.51 -8.43
N LYS A 51 -6.53 37.57 -8.04
CA LYS A 51 -5.42 38.06 -8.92
C LYS A 51 -5.25 37.22 -10.18
N TYR A 52 -5.77 35.95 -10.19
CA TYR A 52 -5.53 35.08 -11.30
C TYR A 52 -6.76 34.67 -12.10
N LYS A 53 -7.95 34.90 -11.56
CA LYS A 53 -9.17 34.57 -12.24
C LYS A 53 -9.24 33.16 -12.83
N PRO A 54 -9.04 32.15 -11.99
CA PRO A 54 -9.28 30.79 -12.46
C PRO A 54 -10.73 30.54 -12.60
N VAL A 55 -11.05 29.45 -13.22
CA VAL A 55 -12.43 29.01 -13.41
C VAL A 55 -12.88 28.33 -12.08
N ASP A 56 -12.18 27.27 -11.70
CA ASP A 56 -12.46 26.47 -10.51
C ASP A 56 -11.27 26.67 -9.52
N ALA A 57 -11.39 26.09 -8.30
CA ALA A 57 -10.34 26.10 -7.32
C ALA A 57 -10.35 24.79 -6.58
N THR A 58 -9.20 24.44 -6.02
CA THR A 58 -9.07 23.23 -5.26
C THR A 58 -8.42 23.52 -3.95
N THR A 59 -8.93 22.80 -2.92
CA THR A 59 -8.30 22.78 -1.61
C THR A 59 -7.89 21.33 -1.35
N ASN A 60 -7.12 21.12 -0.30
CA ASN A 60 -6.81 19.79 0.24
C ASN A 60 -6.61 19.98 1.75
N PRO A 61 -6.45 18.95 2.55
CA PRO A 61 -6.36 19.14 3.96
C PRO A 61 -5.14 19.94 4.41
N SER A 62 -4.06 19.87 3.64
CA SER A 62 -2.83 20.64 3.95
C SER A 62 -3.02 22.09 3.67
N LEU A 63 -3.67 22.40 2.55
CA LEU A 63 -3.97 23.78 2.21
C LEU A 63 -4.95 24.38 3.15
N ILE A 64 -5.94 23.67 3.65
CA ILE A 64 -6.83 24.21 4.66
C ILE A 64 -6.09 24.48 5.96
N LEU A 65 -5.20 23.56 6.36
CA LEU A 65 -4.43 23.80 7.59
C LEU A 65 -3.62 25.06 7.42
N LYS A 66 -2.97 25.24 6.28
CA LYS A 66 -2.14 26.44 6.06
C LYS A 66 -2.93 27.69 6.14
N ALA A 67 -4.13 27.69 5.58
CA ALA A 67 -4.99 28.88 5.65
C ALA A 67 -5.49 29.12 7.01
N VAL A 68 -5.77 28.10 7.80
CA VAL A 68 -6.24 28.24 9.16
C VAL A 68 -5.16 28.83 10.08
N LYS A 69 -3.91 28.41 9.86
CA LYS A 69 -2.84 28.84 10.71
C LYS A 69 -2.31 30.22 10.38
N GLU A 70 -2.58 30.70 9.21
CA GLU A 70 -2.00 32.00 8.86
CA GLU A 70 -2.03 31.98 8.80
C GLU A 70 -2.78 33.15 9.46
N GLN A 71 -2.03 34.14 9.93
CA GLN A 71 -2.59 35.25 10.65
C GLN A 71 -3.70 35.96 9.97
N LYS A 72 -3.63 36.12 8.67
CA LYS A 72 -4.62 36.91 8.01
C LYS A 72 -6.03 36.34 7.99
N TYR A 73 -6.18 35.04 8.17
CA TYR A 73 -7.55 34.46 8.20
C TYR A 73 -7.95 34.13 9.63
N SER A 74 -7.26 34.68 10.60
CA SER A 74 -7.56 34.32 12.00
C SER A 74 -9.00 34.77 12.40
N ASN A 75 -9.55 35.84 11.81
CA ASN A 75 -10.92 36.25 12.13
C ASN A 75 -11.92 35.27 11.58
N LEU A 76 -11.68 34.79 10.38
CA LEU A 76 -12.60 33.85 9.79
C LEU A 76 -12.61 32.57 10.65
N VAL A 77 -11.42 32.09 11.03
CA VAL A 77 -11.29 30.86 11.83
C VAL A 77 -11.97 31.04 13.20
N ALA A 78 -11.67 32.14 13.88
CA ALA A 78 -12.32 32.46 15.15
C ALA A 78 -13.88 32.42 15.15
N GLU A 79 -14.46 33.12 14.16
CA GLU A 79 -15.89 33.29 13.86
C GLU A 79 -16.50 31.93 13.56
N THR A 80 -15.78 31.10 12.83
CA THR A 80 -16.29 29.77 12.55
C THR A 80 -16.39 28.91 13.85
N ILE A 81 -15.39 28.97 14.69
CA ILE A 81 -15.34 28.10 15.88
C ILE A 81 -16.46 28.54 16.84
N SER A 82 -16.68 29.86 16.91
CA SER A 82 -17.71 30.45 17.74
C SER A 82 -19.10 30.03 17.34
N LYS A 83 -19.41 30.19 16.06
CA LYS A 83 -20.75 29.91 15.54
C LYS A 83 -21.12 28.44 15.75
N VAL A 84 -20.26 27.52 15.37
CA VAL A 84 -20.55 26.08 15.60
C VAL A 84 -20.75 25.74 17.08
N LYS A 85 -19.85 26.27 17.91
CA LYS A 85 -19.93 26.06 19.35
C LYS A 85 -21.28 26.54 19.88
N ALA A 86 -21.74 27.71 19.44
CA ALA A 86 -23.02 28.28 19.89
C ALA A 86 -24.21 27.46 19.49
N ASN A 87 -24.18 26.93 18.28
CA ASN A 87 -25.32 26.20 17.73
C ASN A 87 -25.33 24.73 18.04
N ASN A 88 -24.30 24.24 18.74
CA ASN A 88 -24.24 22.82 19.05
C ASN A 88 -23.79 22.60 20.50
N PRO A 89 -24.52 23.19 21.47
CA PRO A 89 -24.18 23.11 22.92
C PRO A 89 -24.26 21.71 23.55
N ASP A 90 -24.98 20.80 22.91
CA ASP A 90 -25.17 19.45 23.41
C ASP A 90 -24.27 18.37 22.77
N LEU A 91 -23.24 18.74 22.00
CA LEU A 91 -22.38 17.69 21.45
C LEU A 91 -21.25 17.28 22.40
N ASN A 92 -20.93 15.98 22.38
CA ASN A 92 -19.79 15.46 23.09
C ASN A 92 -18.58 16.09 22.39
N SER A 93 -17.50 16.26 23.10
CA SER A 93 -16.29 16.91 22.60
C SER A 93 -15.75 16.33 21.27
N ASP A 94 -15.81 15.01 21.10
CA ASP A 94 -15.28 14.39 19.87
C ASP A 94 -16.15 14.82 18.70
N ASP A 95 -17.45 14.75 18.88
CA ASP A 95 -18.42 15.17 17.83
C ASP A 95 -18.31 16.67 17.55
N LEU A 96 -18.07 17.44 18.57
CA LEU A 96 -17.98 18.86 18.42
C LEU A 96 -16.77 19.25 17.56
N VAL A 97 -15.66 18.59 17.83
CA VAL A 97 -14.45 18.93 17.08
C VAL A 97 -14.65 18.55 15.63
N LYS A 98 -15.26 17.39 15.41
CA LYS A 98 -15.52 16.93 14.02
C LYS A 98 -16.42 17.92 13.32
N GLU A 99 -17.43 18.46 14.00
CA GLU A 99 -18.34 19.42 13.38
C GLU A 99 -17.67 20.76 13.00
N ILE A 100 -16.77 21.23 13.84
CA ILE A 100 -16.05 22.44 13.57
C ILE A 100 -15.07 22.23 12.39
N ALA A 101 -14.43 21.06 12.33
CA ALA A 101 -13.47 20.80 11.27
C ALA A 101 -14.17 20.81 9.92
N ILE A 102 -15.40 20.24 9.85
CA ILE A 102 -16.11 20.24 8.58
CA ILE A 102 -16.18 20.25 8.60
C ILE A 102 -16.57 21.67 8.28
N GLU A 103 -16.95 22.45 9.31
CA GLU A 103 -17.34 23.76 9.08
C GLU A 103 -16.21 24.68 8.57
N ILE A 104 -15.01 24.43 9.09
CA ILE A 104 -13.89 25.23 8.62
CA ILE A 104 -13.80 25.16 8.65
C ILE A 104 -13.57 24.91 7.17
N LEU A 105 -13.59 23.64 6.79
CA LEU A 105 -13.23 23.35 5.41
CA LEU A 105 -13.40 23.23 5.40
C LEU A 105 -14.33 23.92 4.47
N VAL A 106 -15.60 23.87 4.84
CA VAL A 106 -16.66 24.43 4.12
C VAL A 106 -16.61 25.97 4.10
N SER A 107 -16.25 26.61 5.22
CA SER A 107 -16.19 28.05 5.23
CA SER A 107 -16.16 28.05 5.27
C SER A 107 -15.11 28.59 4.31
N PHE A 108 -13.96 27.94 4.24
CA PHE A 108 -12.97 28.40 3.25
C PHE A 108 -13.51 28.14 1.84
N GLY A 109 -14.16 27.01 1.59
CA GLY A 109 -14.72 26.76 0.30
C GLY A 109 -15.68 27.82 -0.15
N ILE A 110 -16.55 28.27 0.76
CA ILE A 110 -17.49 29.30 0.46
C ILE A 110 -16.80 30.62 0.15
N LYS A 111 -15.79 31.01 0.87
CA LYS A 111 -15.07 32.22 0.55
C LYS A 111 -14.43 32.14 -0.82
N ILE A 112 -13.97 30.95 -1.20
CA ILE A 112 -13.47 30.74 -2.56
C ILE A 112 -14.53 30.85 -3.61
N LEU A 113 -15.70 30.25 -3.37
CA LEU A 113 -16.80 30.30 -4.33
C LEU A 113 -17.28 31.72 -4.59
N ASP A 114 -17.09 32.56 -3.60
CA ASP A 114 -17.47 33.96 -3.74
C ASP A 114 -16.60 34.68 -4.71
N VAL A 115 -15.42 34.19 -5.03
CA VAL A 115 -14.50 34.91 -5.92
C VAL A 115 -14.19 34.24 -7.24
N ILE A 116 -14.87 33.11 -7.52
CA ILE A 116 -14.78 32.40 -8.78
C ILE A 116 -16.15 32.13 -9.37
N GLU A 117 -16.15 31.84 -10.66
CA GLU A 117 -17.37 31.47 -11.36
C GLU A 117 -17.73 30.00 -11.25
N GLY A 118 -16.72 29.18 -11.02
CA GLY A 118 -16.88 27.76 -11.09
C GLY A 118 -17.01 27.02 -9.77
N LYS A 119 -16.39 25.85 -9.70
CA LYS A 119 -16.53 24.93 -8.56
C LYS A 119 -15.33 24.98 -7.64
N VAL A 120 -15.57 24.55 -6.42
CA VAL A 120 -14.48 24.38 -5.47
C VAL A 120 -14.44 22.92 -5.04
N SER A 121 -13.25 22.37 -4.83
CA SER A 121 -13.04 21.00 -4.34
C SER A 121 -12.73 21.06 -2.88
N SER A 122 -13.41 20.25 -2.11
CA SER A 122 -13.31 20.13 -0.67
C SER A 122 -13.10 18.65 -0.31
N GLU A 123 -11.99 18.33 0.36
CA GLU A 123 -11.60 16.96 0.64
C GLU A 123 -12.19 16.37 1.91
N VAL A 124 -12.69 15.14 1.78
CA VAL A 124 -13.16 14.41 2.99
C VAL A 124 -11.98 14.20 3.94
N ASP A 125 -12.32 13.94 5.20
CA ASP A 125 -11.34 13.64 6.19
C ASP A 125 -10.50 12.46 5.74
N ALA A 126 -9.18 12.53 5.68
CA ALA A 126 -8.39 11.47 5.16
C ALA A 126 -8.49 10.19 5.94
N ARG A 127 -8.96 10.28 7.18
CA ARG A 127 -9.11 9.09 8.04
C ARG A 127 -10.25 8.15 7.54
N VAL A 128 -11.09 8.57 6.63
CA VAL A 128 -12.16 7.71 6.09
C VAL A 128 -11.73 7.02 4.77
N SER A 129 -10.44 7.17 4.41
CA SER A 129 -9.99 6.74 3.10
C SER A 129 -10.11 5.28 2.80
N PHE A 130 -10.22 4.45 3.82
CA PHE A 130 -10.38 2.99 3.61
C PHE A 130 -11.79 2.52 3.95
N ASN A 131 -12.77 3.42 3.99
CA ASN A 131 -14.12 3.07 4.37
C ASN A 131 -15.08 3.72 3.43
N SER A 132 -15.67 2.95 2.51
CA SER A 132 -16.54 3.57 1.55
CA SER A 132 -16.54 3.56 1.53
C SER A 132 -17.76 4.18 2.18
N ALA A 133 -18.38 3.47 3.16
CA ALA A 133 -19.55 3.99 3.77
C ALA A 133 -19.31 5.28 4.57
N THR A 134 -18.21 5.39 5.30
CA THR A 134 -18.01 6.62 6.08
C THR A 134 -17.53 7.74 5.13
N THR A 135 -16.89 7.38 4.04
CA THR A 135 -16.62 8.38 2.96
C THR A 135 -17.86 8.97 2.41
N ILE A 136 -18.84 8.13 2.06
CA ILE A 136 -20.12 8.60 1.56
C ILE A 136 -20.77 9.51 2.59
N ASP A 137 -20.76 9.12 3.86
CA ASP A 137 -21.40 9.91 4.90
C ASP A 137 -20.70 11.25 5.03
N TYR A 138 -19.38 11.26 5.01
CA TYR A 138 -18.63 12.52 5.18
C TYR A 138 -18.87 13.47 4.00
N ALA A 139 -18.89 12.89 2.80
CA ALA A 139 -19.21 13.65 1.58
C ALA A 139 -20.56 14.30 1.66
N LYS A 140 -21.54 13.51 2.12
CA LYS A 140 -22.92 14.06 2.23
C LYS A 140 -22.97 15.15 3.27
N ARG A 141 -22.22 15.00 4.37
CA ARG A 141 -22.17 16.03 5.40
C ARG A 141 -21.59 17.35 4.83
N ILE A 142 -20.54 17.27 4.04
CA ILE A 142 -19.98 18.44 3.41
C ILE A 142 -20.99 19.10 2.51
N ILE A 143 -21.63 18.35 1.66
CA ILE A 143 -22.65 18.88 0.77
C ILE A 143 -23.76 19.55 1.57
N ALA A 144 -24.23 18.92 2.64
CA ALA A 144 -25.31 19.50 3.43
C ALA A 144 -24.88 20.80 4.01
N ARG A 145 -23.64 20.96 4.46
CA ARG A 145 -23.16 22.23 5.02
C ARG A 145 -23.10 23.32 4.00
N TYR A 146 -22.72 23.00 2.79
CA TYR A 146 -22.80 23.95 1.68
C TYR A 146 -24.23 24.33 1.47
N GLU A 147 -25.11 23.34 1.32
CA GLU A 147 -26.52 23.60 1.02
C GLU A 147 -27.17 24.45 2.07
N SER A 148 -26.76 24.28 3.33
N SER A 148 -26.80 24.28 3.32
CA SER A 148 -27.28 25.08 4.47
CA SER A 148 -27.32 25.12 4.42
C SER A 148 -26.98 26.56 4.29
C SER A 148 -26.96 26.59 4.29
N ASN A 149 -25.92 26.89 3.50
CA ASN A 149 -25.52 28.26 3.22
C ASN A 149 -26.07 28.78 1.91
N GLY A 150 -26.86 27.97 1.22
CA GLY A 150 -27.41 28.33 -0.09
C GLY A 150 -26.58 27.95 -1.29
N ILE A 151 -25.50 27.24 -1.09
CA ILE A 151 -24.62 26.78 -2.17
CA ILE A 151 -24.63 26.80 -2.18
C ILE A 151 -25.11 25.43 -2.70
N PRO A 152 -25.40 25.37 -4.00
CA PRO A 152 -25.88 24.11 -4.53
C PRO A 152 -24.79 23.12 -4.81
N LYS A 153 -25.15 21.86 -4.79
CA LYS A 153 -24.15 20.87 -4.96
C LYS A 153 -23.39 20.97 -6.25
N ASP A 154 -23.95 21.55 -7.32
N ASP A 154 -23.97 21.54 -7.30
CA ASP A 154 -23.27 21.69 -8.59
CA ASP A 154 -23.32 21.72 -8.56
C ASP A 154 -22.07 22.65 -8.56
C ASP A 154 -22.00 22.44 -8.43
N ARG A 155 -21.86 23.34 -7.45
CA ARG A 155 -20.64 24.16 -7.34
C ARG A 155 -19.55 23.49 -6.54
N VAL A 156 -19.75 22.27 -6.09
CA VAL A 156 -18.80 21.62 -5.22
C VAL A 156 -18.34 20.28 -5.77
N LEU A 157 -17.07 19.97 -5.72
CA LEU A 157 -16.55 18.65 -5.97
C LEU A 157 -16.04 18.12 -4.63
N ILE A 158 -16.42 16.88 -4.31
CA ILE A 158 -15.90 16.24 -3.12
C ILE A 158 -14.63 15.50 -3.45
N LYS A 159 -13.52 15.88 -2.83
CA LYS A 159 -12.24 15.29 -3.09
C LYS A 159 -12.06 14.07 -2.20
N ILE A 160 -11.71 12.96 -2.85
CA ILE A 160 -11.67 11.65 -2.24
C ILE A 160 -10.34 10.96 -2.69
N ALA A 161 -9.55 10.43 -1.76
CA ALA A 161 -8.34 9.73 -2.16
C ALA A 161 -8.74 8.52 -2.99
N ALA A 162 -8.03 8.30 -4.10
CA ALA A 162 -8.35 7.20 -5.01
C ALA A 162 -7.79 5.86 -4.58
N THR A 163 -8.11 5.49 -3.33
CA THR A 163 -8.01 4.10 -2.94
C THR A 163 -9.20 3.36 -3.56
N TRP A 164 -9.20 2.04 -3.50
CA TRP A 164 -10.34 1.29 -4.02
C TRP A 164 -11.63 1.68 -3.34
N GLU A 165 -11.55 1.89 -2.02
CA GLU A 165 -12.73 2.25 -1.22
C GLU A 165 -13.23 3.66 -1.58
N GLY A 166 -12.32 4.58 -1.90
CA GLY A 166 -12.75 5.89 -2.35
C GLY A 166 -13.38 5.88 -3.70
N ILE A 167 -12.92 5.06 -4.59
CA ILE A 167 -13.53 4.89 -5.92
C ILE A 167 -14.94 4.28 -5.75
N LYS A 168 -15.09 3.30 -4.90
CA LYS A 168 -16.41 2.73 -4.66
C LYS A 168 -17.35 3.79 -4.09
N ALA A 169 -16.89 4.56 -3.14
CA ALA A 169 -17.71 5.64 -2.59
C ALA A 169 -18.11 6.65 -3.63
N ALA A 170 -17.17 7.05 -4.47
CA ALA A 170 -17.45 8.05 -5.48
C ALA A 170 -18.47 7.49 -6.48
N LYS A 171 -18.37 6.21 -6.82
CA LYS A 171 -19.34 5.65 -7.75
C LYS A 171 -20.73 5.82 -7.22
N LEU A 172 -20.93 5.60 -5.95
CA LEU A 172 -22.25 5.75 -5.34
CA LEU A 172 -22.26 5.75 -5.34
C LEU A 172 -22.67 7.21 -5.21
N LEU A 173 -21.73 8.09 -4.84
CA LEU A 173 -22.02 9.50 -4.76
C LEU A 173 -22.44 10.04 -6.09
N GLN A 174 -21.76 9.66 -7.16
CA GLN A 174 -22.14 10.17 -8.51
C GLN A 174 -23.59 9.73 -8.85
N LYS A 175 -23.98 8.55 -8.39
CA LYS A 175 -25.35 8.09 -8.69
C LYS A 175 -26.36 9.00 -8.04
N GLU A 176 -26.03 9.66 -6.93
CA GLU A 176 -26.87 10.63 -6.24
C GLU A 176 -26.67 12.10 -6.67
N GLY A 177 -25.91 12.33 -7.72
CA GLY A 177 -25.67 13.67 -8.20
C GLY A 177 -24.61 14.50 -7.48
N ILE A 178 -23.78 13.78 -6.70
CA ILE A 178 -22.68 14.41 -6.01
C ILE A 178 -21.40 14.18 -6.78
N ASN A 179 -20.85 15.27 -7.38
CA ASN A 179 -19.64 15.14 -8.22
C ASN A 179 -18.38 15.08 -7.36
N CYS A 180 -17.51 14.18 -7.75
CA CYS A 180 -16.31 13.91 -7.05
C CYS A 180 -15.07 14.20 -7.85
N ASN A 181 -14.01 14.50 -7.08
CA ASN A 181 -12.66 14.74 -7.58
C ASN A 181 -11.77 13.72 -6.94
N LEU A 182 -11.40 12.71 -7.69
CA LEU A 182 -10.58 11.59 -7.20
C LEU A 182 -9.15 11.98 -7.23
N THR A 183 -8.55 12.06 -6.05
CA THR A 183 -7.22 12.60 -5.87
C THR A 183 -6.19 11.58 -5.50
N LEU A 184 -4.93 12.01 -5.43
CA LEU A 184 -3.81 11.09 -5.08
C LEU A 184 -3.78 9.94 -6.08
N ILE A 185 -3.89 10.28 -7.38
CA ILE A 185 -3.74 9.38 -8.48
C ILE A 185 -2.31 9.38 -8.99
N PHE A 186 -1.71 8.17 -8.89
CA PHE A 186 -0.32 7.94 -9.25
C PHE A 186 -0.12 6.87 -10.26
N ASP A 187 -1.12 6.15 -10.67
CA ASP A 187 -1.00 5.00 -11.58
C ASP A 187 -2.13 5.03 -12.57
N LYS A 188 -1.84 4.60 -13.81
CA LYS A 188 -2.83 4.57 -14.83
C LYS A 188 -4.01 3.68 -14.45
N ALA A 189 -3.80 2.58 -13.66
CA ALA A 189 -4.94 1.75 -13.09
C ALA A 189 -5.93 2.46 -12.23
N GLN A 190 -5.57 3.31 -11.25
CA GLN A 190 -6.49 4.12 -10.58
C GLN A 190 -7.27 4.86 -11.47
N ALA A 191 -6.56 5.56 -12.41
CA ALA A 191 -7.21 6.45 -13.27
C ALA A 191 -8.24 5.70 -14.05
N LYS A 192 -7.88 4.52 -14.57
CA LYS A 192 -8.84 3.73 -15.33
C LYS A 192 -10.03 3.30 -14.49
N ALA A 193 -9.81 2.85 -13.28
CA ALA A 193 -10.90 2.46 -12.42
C ALA A 193 -11.81 3.62 -12.09
N CYS A 194 -11.24 4.84 -11.91
CA CYS A 194 -12.05 5.98 -11.67
C CYS A 194 -12.96 6.33 -12.80
N ALA A 195 -12.41 6.23 -14.02
CA ALA A 195 -13.22 6.43 -15.23
C ALA A 195 -14.33 5.42 -15.35
N GLU A 196 -13.99 4.18 -15.07
CA GLU A 196 -14.98 3.10 -15.13
C GLU A 196 -16.08 3.33 -14.10
N ALA A 197 -15.84 4.02 -12.99
CA ALA A 197 -16.83 4.37 -11.94
C ALA A 197 -17.66 5.61 -12.30
N GLY A 198 -17.33 6.27 -13.39
CA GLY A 198 -18.08 7.43 -13.85
C GLY A 198 -17.89 8.71 -13.03
N VAL A 199 -16.70 8.86 -12.45
CA VAL A 199 -16.49 10.03 -11.64
C VAL A 199 -16.39 11.26 -12.47
N TYR A 200 -16.69 12.39 -11.87
CA TYR A 200 -16.69 13.64 -12.60
C TYR A 200 -15.29 14.03 -13.06
N LEU A 201 -14.31 13.90 -12.16
CA LEU A 201 -13.00 14.43 -12.39
C LEU A 201 -11.94 13.65 -11.65
N VAL A 202 -10.80 13.46 -12.26
CA VAL A 202 -9.63 12.88 -11.68
C VAL A 202 -8.45 13.92 -11.59
N SER A 203 -7.64 13.81 -10.55
CA SER A 203 -6.48 14.60 -10.27
C SER A 203 -5.22 13.77 -10.24
N PRO A 204 -4.78 13.35 -11.44
CA PRO A 204 -3.48 12.72 -11.47
C PRO A 204 -2.38 13.62 -11.08
N PHE A 205 -1.49 13.21 -10.20
CA PHE A 205 -0.43 14.05 -9.68
C PHE A 205 0.77 14.01 -10.66
N VAL A 206 1.47 15.15 -10.73
CA VAL A 206 2.69 15.30 -11.45
C VAL A 206 3.85 15.35 -10.48
N GLY A 207 3.90 16.43 -9.68
CA GLY A 207 5.02 16.75 -8.83
C GLY A 207 5.48 15.70 -7.89
N ARG A 208 4.58 15.04 -7.25
CA ARG A 208 4.99 14.05 -6.28
C ARG A 208 5.64 12.87 -6.95
N ILE A 209 5.23 12.56 -8.18
CA ILE A 209 5.87 11.48 -8.95
C ILE A 209 7.28 11.94 -9.33
N THR A 210 7.44 13.18 -9.81
CA THR A 210 8.81 13.71 -10.11
C THR A 210 9.66 13.75 -8.84
N ASP A 211 9.10 14.05 -7.72
CA ASP A 211 9.81 14.07 -6.40
C ASP A 211 10.42 12.69 -6.17
N TRP A 212 9.64 11.63 -6.31
CA TRP A 212 10.10 10.27 -6.17
C TRP A 212 11.22 10.01 -7.13
N GLN A 213 11.01 10.34 -8.40
CA GLN A 213 12.01 10.18 -9.41
C GLN A 213 13.32 10.89 -9.05
N MET A 214 13.25 12.12 -8.59
CA MET A 214 14.46 12.94 -8.33
C MET A 214 15.21 12.50 -7.09
N GLN A 215 14.50 12.13 -6.05
CA GLN A 215 15.09 11.62 -4.83
C GLN A 215 15.72 10.28 -5.07
N GLN A 216 15.03 9.43 -5.81
CA GLN A 216 15.53 8.09 -6.02
C GLN A 216 16.75 8.02 -6.90
N ASN A 217 16.80 8.87 -7.91
CA ASN A 217 17.91 8.90 -8.89
C ASN A 217 18.96 9.99 -8.60
N ASN A 218 18.83 10.65 -7.44
CA ASN A 218 19.76 11.75 -7.03
CA ASN A 218 19.73 11.76 -7.02
C ASN A 218 19.87 12.85 -8.11
N LEU A 219 18.75 13.25 -8.69
CA LEU A 219 18.75 14.25 -9.70
C LEU A 219 18.94 15.71 -9.22
N LYS A 220 20.03 16.34 -9.68
CA LYS A 220 20.36 17.69 -9.26
C LYS A 220 19.41 18.71 -9.82
N THR A 221 18.96 18.46 -11.06
CA THR A 221 18.08 19.35 -11.76
C THR A 221 16.82 18.53 -12.14
N PHE A 222 15.74 19.25 -12.40
CA PHE A 222 14.53 18.57 -12.82
C PHE A 222 14.83 17.86 -14.14
N PRO A 223 14.21 16.71 -14.33
CA PRO A 223 14.36 15.97 -15.58
C PRO A 223 13.83 16.74 -16.78
N ALA A 224 14.37 16.43 -17.96
CA ALA A 224 13.78 16.95 -19.19
C ALA A 224 12.29 16.57 -19.16
N ILE A 225 11.49 17.44 -19.71
CA ILE A 225 10.07 17.16 -19.78
C ILE A 225 9.79 15.77 -20.35
N ALA A 226 10.45 15.38 -21.43
CA ALA A 226 10.24 14.09 -22.03
C ALA A 226 10.53 12.95 -21.08
N ASP A 227 11.37 13.19 -20.08
CA ASP A 227 11.80 12.19 -19.11
C ASP A 227 11.12 12.29 -17.72
N ASP A 228 10.20 13.25 -17.58
CA ASP A 228 9.58 13.54 -16.29
C ASP A 228 8.43 12.55 -16.06
N ASP A 229 8.64 11.66 -15.10
CA ASP A 229 7.73 10.59 -14.84
C ASP A 229 6.33 11.15 -14.47
N GLY A 230 6.30 12.29 -13.81
CA GLY A 230 5.03 12.89 -13.46
C GLY A 230 4.26 13.42 -14.62
N VAL A 231 4.93 14.16 -15.49
CA VAL A 231 4.32 14.69 -16.67
C VAL A 231 3.88 13.53 -17.57
N ASN A 232 4.71 12.52 -17.69
CA ASN A 232 4.39 11.34 -18.51
C ASN A 232 3.18 10.59 -17.95
N SER A 233 3.02 10.52 -16.63
CA SER A 233 1.86 9.88 -16.06
C SER A 233 0.55 10.57 -16.50
N VAL A 234 0.47 11.91 -16.43
CA VAL A 234 -0.73 12.62 -16.86
C VAL A 234 -0.95 12.47 -18.35
N LYS A 235 0.11 12.55 -19.14
CA LYS A 235 -0.02 12.36 -20.58
C LYS A 235 -0.62 10.98 -20.89
N ALA A 236 -0.16 9.93 -20.18
CA ALA A 236 -0.64 8.55 -20.42
C ALA A 236 -2.14 8.45 -20.05
N ILE A 237 -2.55 9.08 -18.95
CA ILE A 237 -3.92 9.05 -18.54
C ILE A 237 -4.77 9.83 -19.52
N TYR A 238 -4.29 10.99 -19.95
CA TYR A 238 -5.04 11.80 -20.90
C TYR A 238 -5.27 10.99 -22.15
N LYS A 239 -4.20 10.37 -22.64
CA LYS A 239 -4.30 9.58 -23.90
C LYS A 239 -5.26 8.41 -23.72
N LEU A 240 -5.17 7.71 -22.57
CA LEU A 240 -6.09 6.60 -22.26
C LEU A 240 -7.50 7.06 -22.31
N TYR A 241 -7.82 8.17 -21.62
CA TYR A 241 -9.14 8.67 -21.53
C TYR A 241 -9.73 9.06 -22.88
N LYS A 242 -8.97 9.80 -23.67
CA LYS A 242 -9.52 10.25 -24.97
C LYS A 242 -9.64 9.05 -25.90
N SER A 243 -8.74 8.08 -25.82
CA SER A 243 -8.85 6.91 -26.73
C SER A 243 -10.04 6.03 -26.40
N HIS A 244 -10.44 5.95 -25.12
CA HIS A 244 -11.59 5.19 -24.67
C HIS A 244 -12.85 5.97 -24.70
N GLY A 245 -12.76 7.27 -24.92
CA GLY A 245 -13.96 8.11 -24.89
C GLY A 245 -14.55 8.39 -23.51
N PHE A 246 -13.70 8.32 -22.48
CA PHE A 246 -14.21 8.60 -21.15
C PHE A 246 -14.44 10.08 -21.04
N LYS A 247 -15.49 10.44 -20.33
CA LYS A 247 -15.91 11.84 -20.16
C LYS A 247 -15.41 12.46 -18.87
N THR A 248 -14.82 11.64 -18.02
CA THR A 248 -14.21 12.12 -16.76
C THR A 248 -13.14 13.17 -17.13
N ILE A 249 -13.21 14.34 -16.44
CA ILE A 249 -12.24 15.38 -16.66
C ILE A 249 -10.88 15.02 -16.13
N VAL A 250 -9.84 15.25 -16.85
CA VAL A 250 -8.50 14.99 -16.45
C VAL A 250 -7.87 16.32 -15.98
N MET A 251 -7.62 16.43 -14.67
CA MET A 251 -7.04 17.64 -14.10
C MET A 251 -5.67 17.36 -13.54
N GLY A 252 -4.60 17.75 -14.19
CA GLY A 252 -3.31 17.62 -13.59
C GLY A 252 -3.16 18.46 -12.32
N ALA A 253 -2.56 17.89 -11.32
CA ALA A 253 -2.32 18.51 -10.04
C ALA A 253 -0.95 18.23 -9.57
N SER A 254 -0.49 19.00 -8.61
CA SER A 254 0.82 18.85 -7.93
C SER A 254 1.95 19.26 -8.87
N PHE A 255 2.43 20.47 -8.75
CA PHE A 255 3.48 20.94 -9.62
C PHE A 255 4.67 21.50 -8.87
N ARG A 256 5.86 21.32 -9.47
CA ARG A 256 7.14 21.75 -8.87
C ARG A 256 7.79 22.94 -9.57
N ASN A 257 7.44 23.17 -10.82
CA ASN A 257 7.91 24.25 -11.59
C ASN A 257 6.96 24.54 -12.72
N VAL A 258 7.07 25.75 -13.25
CA VAL A 258 6.18 26.19 -14.33
CA VAL A 258 6.16 26.20 -14.27
C VAL A 258 6.31 25.37 -15.53
N GLU A 259 7.51 24.82 -15.75
CA GLU A 259 7.70 24.09 -16.94
C GLU A 259 6.83 22.79 -17.02
N GLN A 260 6.61 22.17 -15.87
CA GLN A 260 5.71 21.00 -15.83
C GLN A 260 4.28 21.40 -16.19
N VAL A 261 3.81 22.58 -15.75
CA VAL A 261 2.50 23.05 -16.07
C VAL A 261 2.34 23.28 -17.57
N ILE A 262 3.30 24.06 -18.13
CA ILE A 262 3.30 24.40 -19.54
C ILE A 262 3.35 23.18 -20.42
N ALA A 263 4.00 22.14 -19.89
CA ALA A 263 4.15 20.85 -20.65
C ALA A 263 2.84 20.17 -20.88
N LEU A 264 1.87 20.51 -20.06
CA LEU A 264 0.55 19.88 -20.14
C LEU A 264 -0.51 20.77 -20.72
N ALA A 265 -0.07 21.87 -21.31
CA ALA A 265 -1.05 22.74 -21.98
C ALA A 265 -1.96 21.98 -22.96
N GLY A 266 -3.27 22.22 -22.85
CA GLY A 266 -4.27 21.47 -23.60
C GLY A 266 -4.92 20.33 -22.81
N CYS A 267 -4.39 20.02 -21.61
CA CYS A 267 -5.06 19.05 -20.77
C CYS A 267 -6.43 19.64 -20.40
N ASP A 268 -7.38 18.81 -20.03
CA ASP A 268 -8.72 19.33 -19.73
C ASP A 268 -8.67 20.46 -18.75
N ALA A 269 -7.91 20.23 -17.65
CA ALA A 269 -7.79 21.17 -16.56
C ALA A 269 -6.43 20.99 -15.91
N LEU A 270 -5.97 22.04 -15.26
CA LEU A 270 -4.72 22.04 -14.48
C LEU A 270 -4.94 22.87 -13.26
N THR A 271 -4.69 22.30 -12.06
CA THR A 271 -4.81 23.05 -10.84
C THR A 271 -3.40 23.45 -10.36
N ILE A 272 -3.22 24.74 -10.07
CA ILE A 272 -1.89 25.35 -10.00
C ILE A 272 -1.79 26.26 -8.79
N SER A 273 -0.67 26.23 -8.07
CA SER A 273 -0.49 27.04 -6.91
C SER A 273 -0.39 28.50 -7.29
N PRO A 274 -0.71 29.38 -6.30
CA PRO A 274 -0.52 30.78 -6.59
C PRO A 274 0.87 31.18 -6.97
N VAL A 275 1.90 30.58 -6.38
CA VAL A 275 3.28 30.95 -6.83
C VAL A 275 3.49 30.69 -8.29
N LEU A 276 3.00 29.58 -8.81
CA LEU A 276 3.14 29.22 -10.18
C LEU A 276 2.18 29.98 -11.06
N LEU A 277 0.97 30.28 -10.59
CA LEU A 277 0.11 31.19 -11.31
C LEU A 277 0.79 32.55 -11.56
N GLU A 278 1.47 33.07 -10.57
CA GLU A 278 2.14 34.39 -10.67
C GLU A 278 3.25 34.28 -11.71
N GLU A 279 4.00 33.22 -11.73
CA GLU A 279 5.05 33.01 -12.75
C GLU A 279 4.41 32.97 -14.12
N LEU A 280 3.31 32.25 -14.35
CA LEU A 280 2.64 32.17 -15.61
C LEU A 280 2.08 33.54 -16.07
N LYS A 281 1.56 34.31 -15.14
CA LYS A 281 0.98 35.63 -15.40
C LYS A 281 2.01 36.59 -15.96
N ASN A 282 3.24 36.40 -15.51
CA ASN A 282 4.32 37.35 -15.87
C ASN A 282 5.19 36.89 -17.02
N ARG A 283 4.92 35.78 -17.64
CA ARG A 283 5.68 35.30 -18.78
C ARG A 283 4.89 35.55 -20.04
N ASP A 284 5.58 35.88 -21.15
CA ASP A 284 4.86 36.19 -22.39
C ASP A 284 5.28 35.38 -23.65
N GLU A 285 6.08 34.37 -23.35
CA GLU A 285 6.52 33.49 -24.39
CA GLU A 285 6.54 33.30 -24.18
C GLU A 285 5.32 32.77 -24.88
N HIS A 286 5.48 32.24 -26.09
CA HIS A 286 4.38 31.57 -26.75
C HIS A 286 4.14 30.19 -26.04
N LEU A 287 2.86 29.84 -25.84
CA LEU A 287 2.46 28.53 -25.18
C LEU A 287 2.06 27.53 -26.24
N GLU A 288 2.85 26.51 -26.41
CA GLU A 288 2.51 25.47 -27.34
C GLU A 288 1.59 24.42 -26.76
N VAL A 289 0.56 24.07 -27.51
CA VAL A 289 -0.40 23.02 -27.06
C VAL A 289 0.21 21.65 -27.23
N LYS A 290 0.24 20.92 -26.14
CA LYS A 290 0.87 19.61 -26.15
C LYS A 290 -0.10 18.45 -26.09
N LEU A 291 -1.26 18.67 -25.50
CA LEU A 291 -2.31 17.64 -25.41
CA LEU A 291 -2.30 17.65 -25.43
C LEU A 291 -3.52 18.11 -26.26
N THR A 292 -3.87 17.35 -27.29
CA THR A 292 -4.99 17.81 -28.14
C THR A 292 -6.18 16.87 -28.10
N GLN A 303 -11.67 -4.16 -18.21
CA GLN A 303 -12.26 -3.55 -17.02
C GLN A 303 -11.52 -4.01 -15.75
N ILE A 304 -11.54 -3.17 -14.71
CA ILE A 304 -10.65 -3.49 -13.54
C ILE A 304 -11.42 -3.96 -12.34
N SER A 305 -11.16 -5.19 -11.91
CA SER A 305 -11.67 -5.74 -10.72
C SER A 305 -10.90 -5.25 -9.52
N GLU A 306 -11.42 -5.46 -8.33
CA GLU A 306 -10.70 -5.04 -7.12
C GLU A 306 -9.33 -5.74 -7.09
N ALA A 307 -9.30 -7.04 -7.26
CA ALA A 307 -8.07 -7.76 -7.18
C ALA A 307 -7.09 -7.32 -8.25
N ASP A 308 -7.56 -6.99 -9.45
CA ASP A 308 -6.68 -6.47 -10.56
CA ASP A 308 -6.63 -6.56 -10.48
C ASP A 308 -6.10 -5.14 -10.13
N PHE A 309 -6.94 -4.25 -9.65
CA PHE A 309 -6.54 -2.91 -9.20
C PHE A 309 -5.45 -3.06 -8.16
N ARG A 310 -5.67 -3.91 -7.18
CA ARG A 310 -4.71 -4.05 -6.07
C ARG A 310 -3.39 -4.62 -6.58
N TRP A 311 -3.44 -5.57 -7.50
CA TRP A 311 -2.22 -6.09 -8.08
C TRP A 311 -1.45 -5.03 -8.83
N LEU A 312 -2.13 -4.25 -9.69
CA LEU A 312 -1.45 -3.27 -10.52
C LEU A 312 -0.87 -2.17 -9.65
N MET A 313 -1.56 -1.77 -8.59
CA MET A 313 -1.01 -0.81 -7.63
CA MET A 313 -0.97 -0.78 -7.71
C MET A 313 0.23 -1.37 -6.97
N ASN A 314 0.17 -2.61 -6.58
CA ASN A 314 1.29 -3.26 -5.93
C ASN A 314 2.56 -3.29 -6.79
N GLU A 315 2.35 -3.50 -8.07
CA GLU A 315 3.47 -3.50 -8.98
C GLU A 315 4.17 -2.20 -9.15
N ASN A 316 3.51 -1.13 -8.75
CA ASN A 316 4.02 0.21 -8.85
C ASN A 316 4.49 0.66 -7.48
N ALA A 317 5.74 0.51 -7.12
CA ALA A 317 6.31 0.88 -5.86
C ALA A 317 6.04 2.34 -5.54
N MET A 318 6.26 3.24 -6.54
CA MET A 318 6.03 4.64 -6.30
C MET A 318 4.56 4.93 -5.87
N ALA A 319 3.63 4.37 -6.67
CA ALA A 319 2.21 4.64 -6.41
C ALA A 319 1.82 4.12 -5.10
N THR A 320 2.23 2.89 -4.78
CA THR A 320 1.92 2.32 -3.48
C THR A 320 2.41 3.25 -2.38
N HIS A 321 3.64 3.72 -2.47
CA HIS A 321 4.18 4.54 -1.41
C HIS A 321 3.48 5.92 -1.37
N LYS A 322 3.27 6.53 -2.54
CA LYS A 322 2.75 7.88 -2.55
C LYS A 322 1.30 8.00 -2.24
N LEU A 323 0.47 7.04 -2.58
CA LEU A 323 -0.90 7.04 -2.17
C LEU A 323 -0.95 6.99 -0.65
N ALA A 324 -0.24 6.03 -0.08
CA ALA A 324 -0.23 5.89 1.34
C ALA A 324 0.27 7.11 2.11
N GLU A 325 1.38 7.65 1.63
CA GLU A 325 1.99 8.81 2.22
C GLU A 325 1.03 9.96 2.16
N GLY A 326 0.36 10.16 1.02
CA GLY A 326 -0.53 11.30 0.94
C GLY A 326 -1.67 11.28 1.93
N ILE A 327 -2.18 10.08 2.19
CA ILE A 327 -3.23 9.89 3.17
C ILE A 327 -2.66 10.17 4.58
N ARG A 328 -1.44 9.66 4.80
CA ARG A 328 -0.77 9.91 6.11
C ARG A 328 -0.55 11.38 6.36
N LEU A 329 -0.08 12.08 5.36
CA LEU A 329 0.29 13.51 5.56
CA LEU A 329 0.27 13.52 5.52
C LEU A 329 -0.97 14.34 5.73
N PHE A 330 -2.01 14.06 4.92
CA PHE A 330 -3.25 14.79 5.11
C PHE A 330 -3.88 14.53 6.48
N THR A 331 -3.71 13.30 6.98
CA THR A 331 -4.16 12.94 8.31
C THR A 331 -3.38 13.71 9.37
N LYS A 332 -2.09 13.79 9.26
CA LYS A 332 -1.27 14.55 10.24
C LYS A 332 -1.74 15.98 10.26
N ASP A 333 -1.94 16.60 9.10
CA ASP A 333 -2.35 18.01 9.07
C ASP A 333 -3.75 18.20 9.62
N THR A 334 -4.63 17.24 9.40
CA THR A 334 -6.00 17.33 9.98
C THR A 334 -5.96 17.17 11.50
N ILE A 335 -5.10 16.30 12.01
CA ILE A 335 -4.94 16.18 13.48
C ILE A 335 -4.41 17.50 14.02
N GLU A 336 -3.47 18.18 13.33
CA GLU A 336 -3.00 19.47 13.81
C GLU A 336 -4.16 20.46 13.78
N LEU A 337 -5.00 20.44 12.77
CA LEU A 337 -6.20 21.31 12.73
C LEU A 337 -7.06 21.04 13.93
N GLU A 338 -7.29 19.77 14.24
CA GLU A 338 -8.10 19.41 15.40
C GLU A 338 -7.52 19.90 16.70
N ASN A 339 -6.19 19.82 16.79
CA ASN A 339 -5.53 20.34 18.00
C ASN A 339 -5.71 21.84 18.08
N ILE A 340 -5.62 22.56 16.96
CA ILE A 340 -5.85 24.00 16.93
C ILE A 340 -7.29 24.31 17.33
N ILE A 341 -8.22 23.50 16.88
CA ILE A 341 -9.67 23.69 17.27
C ILE A 341 -9.79 23.52 18.79
N LYS A 342 -9.21 22.44 19.32
CA LYS A 342 -9.27 22.18 20.75
C LYS A 342 -8.62 23.32 21.55
N GLN A 343 -7.57 23.94 21.03
CA GLN A 343 -6.87 25.03 21.78
C GLN A 343 -7.68 26.33 21.81
N ASN A 344 -8.66 26.46 20.93
CA ASN A 344 -9.46 27.64 20.81
C ASN A 344 -10.85 27.43 21.34
N LEU A 345 -11.07 26.32 22.07
CA LEU A 345 -12.41 26.02 22.65
C LEU A 345 -12.43 26.38 24.13
N LYS B 27 27.33 -26.77 25.68
CA LYS B 27 26.30 -26.79 24.60
C LYS B 27 26.51 -25.61 23.67
N SER B 28 26.41 -25.87 22.38
CA SER B 28 26.47 -24.76 21.41
C SER B 28 25.26 -23.81 21.64
N VAL B 29 25.36 -22.60 21.11
CA VAL B 29 24.22 -21.65 21.13
C VAL B 29 23.05 -22.34 20.40
N LEU B 30 23.28 -23.04 19.32
CA LEU B 30 22.19 -23.75 18.62
C LEU B 30 21.44 -24.69 19.57
N GLU B 31 22.19 -25.53 20.27
CA GLU B 31 21.51 -26.47 21.16
C GLU B 31 20.88 -25.81 22.33
N GLN B 32 21.46 -24.72 22.85
CA GLN B 32 20.84 -23.90 23.87
C GLN B 32 19.52 -23.32 23.38
N LEU B 33 19.53 -22.81 22.13
CA LEU B 33 18.34 -22.20 21.60
C LEU B 33 17.20 -23.21 21.48
N LYS B 34 17.48 -24.44 21.10
CA LYS B 34 16.48 -25.45 21.00
C LYS B 34 15.78 -25.76 22.31
N GLN B 35 16.38 -25.40 23.42
CA GLN B 35 15.73 -25.65 24.73
C GLN B 35 14.61 -24.73 24.99
N VAL B 36 14.60 -23.50 24.38
CA VAL B 36 13.67 -22.50 24.66
C VAL B 36 12.80 -22.00 23.47
N THR B 37 13.16 -22.46 22.28
CA THR B 37 12.56 -21.99 21.06
C THR B 37 12.53 -23.17 20.11
N MET B 38 11.46 -23.27 19.31
CA MET B 38 11.37 -24.26 18.22
C MET B 38 12.25 -23.76 17.07
N VAL B 39 13.35 -24.45 16.79
CA VAL B 39 14.30 -24.07 15.76
C VAL B 39 13.76 -24.64 14.45
N VAL B 40 13.73 -23.79 13.45
CA VAL B 40 13.22 -24.09 12.11
C VAL B 40 14.25 -23.72 11.08
N ALA B 41 14.44 -24.57 10.08
CA ALA B 41 15.42 -24.30 9.02
C ALA B 41 14.73 -23.63 7.87
N ASP B 42 15.30 -22.53 7.38
CA ASP B 42 14.74 -21.75 6.28
C ASP B 42 15.53 -22.04 5.02
N THR B 43 15.10 -23.09 4.34
CA THR B 43 15.77 -23.56 3.13
C THR B 43 14.94 -24.56 2.41
N GLY B 44 15.17 -24.59 1.08
CA GLY B 44 14.63 -25.70 0.27
C GLY B 44 15.69 -26.82 0.04
N ASP B 45 16.92 -26.56 0.46
CA ASP B 45 18.16 -27.48 0.24
C ASP B 45 18.07 -28.51 1.35
N PHE B 46 17.24 -29.51 1.17
CA PHE B 46 16.97 -30.48 2.16
C PHE B 46 18.20 -31.25 2.73
N GLU B 47 19.23 -31.36 1.88
CA GLU B 47 20.44 -31.98 2.30
C GLU B 47 21.15 -31.26 3.38
N LEU B 48 20.92 -29.96 3.52
CA LEU B 48 21.56 -29.17 4.54
C LEU B 48 20.89 -29.33 5.86
N ILE B 49 19.63 -29.70 5.85
CA ILE B 49 18.76 -29.70 7.05
C ILE B 49 19.18 -30.71 8.07
N LYS B 50 19.56 -31.93 7.65
CA LYS B 50 20.14 -32.87 8.65
C LYS B 50 21.39 -32.38 9.42
N LYS B 51 22.10 -31.40 8.93
CA LYS B 51 23.26 -30.96 9.74
C LYS B 51 22.71 -30.35 11.08
N TYR B 52 21.44 -29.88 11.09
CA TYR B 52 20.99 -29.04 12.19
C TYR B 52 19.88 -29.57 13.05
N LYS B 53 19.19 -30.62 12.61
CA LYS B 53 18.07 -31.19 13.33
C LYS B 53 17.06 -30.18 13.82
N PRO B 54 16.52 -29.36 12.89
CA PRO B 54 15.45 -28.47 13.30
C PRO B 54 14.19 -29.29 13.51
N VAL B 55 13.18 -28.69 14.12
CA VAL B 55 11.89 -29.32 14.29
C VAL B 55 11.10 -29.20 13.00
N ASP B 56 10.96 -27.97 12.48
CA ASP B 56 10.19 -27.65 11.27
C ASP B 56 11.14 -27.06 10.24
N ALA B 57 10.66 -26.84 9.03
CA ALA B 57 11.42 -26.17 7.99
C ALA B 57 10.46 -25.26 7.21
N THR B 58 11.00 -24.22 6.67
CA THR B 58 10.25 -23.28 5.82
C THR B 58 10.91 -23.09 4.48
N THR B 59 10.09 -22.93 3.50
CA THR B 59 10.50 -22.52 2.16
C THR B 59 9.79 -21.23 1.81
N ASN B 60 10.23 -20.56 0.76
CA ASN B 60 9.60 -19.40 0.20
C ASN B 60 9.91 -19.44 -1.32
N PRO B 61 9.31 -18.55 -2.09
CA PRO B 61 9.55 -18.65 -3.56
C PRO B 61 10.98 -18.44 -3.96
N SER B 62 11.69 -17.61 -3.21
CA SER B 62 13.12 -17.36 -3.49
C SER B 62 13.98 -18.54 -3.14
N LEU B 63 13.66 -19.23 -2.04
CA LEU B 63 14.41 -20.40 -1.66
C LEU B 63 14.11 -21.58 -2.56
N ILE B 64 12.88 -21.72 -3.05
CA ILE B 64 12.61 -22.79 -4.04
C ILE B 64 13.37 -22.49 -5.33
N LEU B 65 13.31 -21.28 -5.81
CA LEU B 65 14.12 -20.92 -7.00
C LEU B 65 15.59 -21.22 -6.81
N LYS B 66 16.16 -20.87 -5.66
CA LYS B 66 17.60 -21.11 -5.40
C LYS B 66 17.87 -22.62 -5.45
N ALA B 67 17.05 -23.46 -4.86
CA ALA B 67 17.24 -24.94 -4.83
C ALA B 67 17.13 -25.50 -6.25
N VAL B 68 16.22 -24.98 -7.04
CA VAL B 68 16.16 -25.33 -8.44
C VAL B 68 17.41 -24.79 -9.16
N LYS B 69 17.79 -23.54 -9.06
CA LYS B 69 18.91 -22.95 -9.83
C LYS B 69 20.31 -23.53 -9.59
N GLU B 70 20.62 -23.74 -8.33
CA GLU B 70 21.94 -24.27 -7.95
C GLU B 70 22.17 -25.74 -8.40
N GLN B 71 21.11 -26.44 -8.78
CA GLN B 71 21.19 -27.75 -9.46
C GLN B 71 21.64 -29.02 -8.78
N LYS B 72 21.52 -29.02 -7.46
CA LYS B 72 21.83 -30.19 -6.68
C LYS B 72 20.72 -31.25 -6.92
N TYR B 73 19.57 -30.78 -7.41
CA TYR B 73 18.33 -31.54 -7.48
C TYR B 73 17.72 -31.57 -8.86
N SER B 74 18.54 -31.61 -9.93
CA SER B 74 18.04 -31.60 -11.31
CA SER B 74 18.02 -31.59 -11.28
C SER B 74 17.23 -32.85 -11.65
N ASN B 75 17.57 -33.98 -11.04
CA ASN B 75 16.82 -35.20 -11.31
C ASN B 75 15.45 -35.10 -10.71
N LEU B 76 15.36 -34.58 -9.49
CA LEU B 76 14.10 -34.40 -8.82
C LEU B 76 13.21 -33.48 -9.70
N VAL B 77 13.80 -32.44 -10.25
CA VAL B 77 13.06 -31.52 -11.10
C VAL B 77 12.59 -32.22 -12.36
N ALA B 78 13.48 -32.96 -13.03
CA ALA B 78 13.16 -33.64 -14.24
C ALA B 78 12.08 -34.72 -14.03
N GLU B 79 12.16 -35.46 -12.93
CA GLU B 79 11.15 -36.46 -12.62
C GLU B 79 9.81 -35.84 -12.30
N THR B 80 9.83 -34.70 -11.63
CA THR B 80 8.61 -34.02 -11.32
C THR B 80 7.90 -33.60 -12.64
N ILE B 81 8.63 -32.96 -13.54
CA ILE B 81 8.08 -32.55 -14.83
C ILE B 81 7.46 -33.70 -15.61
N SER B 82 8.18 -34.81 -15.70
CA SER B 82 7.64 -35.98 -16.39
C SER B 82 6.37 -36.55 -15.82
N LYS B 83 6.33 -36.64 -14.51
CA LYS B 83 5.19 -37.13 -13.76
C LYS B 83 3.98 -36.25 -14.05
N VAL B 84 4.15 -34.91 -13.91
CA VAL B 84 3.03 -34.05 -14.08
C VAL B 84 2.50 -34.11 -15.54
N LYS B 85 3.38 -34.11 -16.49
CA LYS B 85 2.91 -34.27 -17.90
C LYS B 85 2.09 -35.54 -18.10
N ALA B 86 2.58 -36.65 -17.58
CA ALA B 86 1.85 -37.95 -17.73
C ALA B 86 0.48 -37.96 -17.03
N ASN B 87 0.35 -37.31 -15.89
CA ASN B 87 -0.89 -37.28 -15.16
C ASN B 87 -1.87 -36.25 -15.67
N ASN B 88 -1.40 -35.38 -16.58
CA ASN B 88 -2.20 -34.27 -17.07
C ASN B 88 -2.18 -33.99 -18.57
N PRO B 89 -2.62 -34.98 -19.37
CA PRO B 89 -2.60 -34.90 -20.80
C PRO B 89 -3.55 -33.86 -21.31
N ASP B 90 -4.47 -33.41 -20.47
CA ASP B 90 -5.43 -32.43 -20.87
C ASP B 90 -4.99 -30.99 -20.74
N LEU B 91 -3.84 -30.71 -20.13
CA LEU B 91 -3.48 -29.31 -19.89
C LEU B 91 -2.66 -28.70 -21.00
N ASN B 92 -2.98 -27.45 -21.34
CA ASN B 92 -2.15 -26.69 -22.27
C ASN B 92 -0.83 -26.27 -21.56
N SER B 93 0.07 -25.68 -22.30
CA SER B 93 1.38 -25.31 -21.81
CA SER B 93 1.38 -25.29 -21.83
C SER B 93 1.33 -24.41 -20.58
N ASP B 94 0.45 -23.40 -20.57
CA ASP B 94 0.40 -22.48 -19.37
C ASP B 94 -0.07 -23.24 -18.15
N ASP B 95 -1.15 -23.98 -18.31
CA ASP B 95 -1.72 -24.72 -17.17
C ASP B 95 -0.77 -25.80 -16.71
N LEU B 96 -0.10 -26.44 -17.66
CA LEU B 96 0.89 -27.46 -17.30
C LEU B 96 2.01 -26.87 -16.49
N VAL B 97 2.55 -25.71 -16.89
CA VAL B 97 3.64 -25.04 -16.15
C VAL B 97 3.18 -24.69 -14.72
N LYS B 98 1.93 -24.24 -14.59
CA LYS B 98 1.44 -23.94 -13.26
C LYS B 98 1.35 -25.19 -12.35
N GLU B 99 0.88 -26.30 -12.94
CA GLU B 99 0.78 -27.52 -12.18
C GLU B 99 2.16 -28.05 -11.80
N ILE B 100 3.10 -27.96 -12.71
CA ILE B 100 4.51 -28.33 -12.40
C ILE B 100 5.06 -27.46 -11.30
N ALA B 101 4.78 -26.16 -11.28
CA ALA B 101 5.29 -25.29 -10.22
C ALA B 101 4.76 -25.77 -8.88
N ILE B 102 3.50 -26.12 -8.81
CA ILE B 102 2.99 -26.66 -7.57
C ILE B 102 3.67 -27.97 -7.19
N GLU B 103 3.81 -28.89 -8.17
CA GLU B 103 4.39 -30.16 -7.84
C GLU B 103 5.87 -30.06 -7.42
N ILE B 104 6.56 -29.06 -7.95
CA ILE B 104 7.97 -28.81 -7.56
C ILE B 104 8.01 -28.38 -6.10
N LEU B 105 7.15 -27.49 -5.77
CA LEU B 105 7.07 -26.99 -4.38
C LEU B 105 6.82 -28.16 -3.46
N VAL B 106 5.87 -29.04 -3.79
CA VAL B 106 5.54 -30.22 -3.02
C VAL B 106 6.64 -31.22 -2.99
N SER B 107 7.30 -31.47 -4.13
CA SER B 107 8.42 -32.47 -4.12
C SER B 107 9.52 -32.03 -3.19
N PHE B 108 9.91 -30.75 -3.20
CA PHE B 108 10.90 -30.26 -2.23
C PHE B 108 10.39 -30.48 -0.82
N GLY B 109 9.13 -30.15 -0.55
CA GLY B 109 8.54 -30.33 0.76
C GLY B 109 8.60 -31.77 1.22
N ILE B 110 8.27 -32.70 0.32
CA ILE B 110 8.32 -34.13 0.67
C ILE B 110 9.73 -34.59 1.08
N LYS B 111 10.72 -34.15 0.34
CA LYS B 111 12.11 -34.45 0.67
C LYS B 111 12.54 -33.84 1.99
N ILE B 112 12.01 -32.64 2.29
CA ILE B 112 12.29 -32.01 3.56
C ILE B 112 11.65 -32.84 4.69
N LEU B 113 10.41 -33.28 4.47
CA LEU B 113 9.65 -34.03 5.49
C LEU B 113 10.35 -35.37 5.78
N ASP B 114 11.10 -35.88 4.85
CA ASP B 114 11.84 -37.10 5.14
C ASP B 114 12.91 -36.92 6.18
N VAL B 115 13.43 -35.71 6.38
CA VAL B 115 14.53 -35.39 7.27
C VAL B 115 14.24 -34.56 8.50
N ILE B 116 12.98 -34.31 8.77
CA ILE B 116 12.55 -33.60 9.94
C ILE B 116 11.36 -34.32 10.59
N GLU B 117 11.17 -34.04 11.89
CA GLU B 117 10.03 -34.62 12.60
CA GLU B 117 10.05 -34.57 12.70
C GLU B 117 8.78 -33.76 12.53
N GLY B 118 8.91 -32.45 12.17
CA GLY B 118 7.80 -31.56 12.16
C GLY B 118 7.21 -31.23 10.81
N LYS B 119 6.84 -29.97 10.67
CA LYS B 119 6.16 -29.51 9.48
C LYS B 119 7.02 -28.74 8.50
N VAL B 120 6.56 -28.74 7.28
CA VAL B 120 7.19 -27.89 6.24
C VAL B 120 6.19 -26.83 5.83
N SER B 121 6.69 -25.64 5.54
CA SER B 121 5.88 -24.53 4.98
C SER B 121 6.14 -24.34 3.51
N SER B 122 5.07 -24.30 2.73
CA SER B 122 5.09 -24.15 1.26
C SER B 122 4.25 -22.93 0.89
N GLU B 123 4.84 -21.98 0.19
CA GLU B 123 4.17 -20.69 -0.10
C GLU B 123 3.37 -20.69 -1.39
N VAL B 124 2.18 -20.17 -1.33
CA VAL B 124 1.39 -19.99 -2.55
C VAL B 124 2.04 -19.00 -3.50
N ASP B 125 1.65 -19.11 -4.77
CA ASP B 125 2.16 -18.20 -5.81
C ASP B 125 1.86 -16.78 -5.35
N ALA B 126 2.85 -15.89 -5.26
CA ALA B 126 2.61 -14.54 -4.77
C ALA B 126 1.63 -13.79 -5.63
N ARG B 127 1.46 -14.19 -6.87
CA ARG B 127 0.48 -13.53 -7.74
C ARG B 127 -0.93 -13.62 -7.30
N VAL B 128 -1.25 -14.48 -6.33
CA VAL B 128 -2.63 -14.61 -5.87
C VAL B 128 -2.84 -13.79 -4.58
N SER B 129 -1.86 -12.98 -4.18
CA SER B 129 -1.87 -12.30 -2.89
C SER B 129 -3.03 -11.34 -2.63
N PHE B 130 -3.66 -10.84 -3.67
CA PHE B 130 -4.77 -9.90 -3.53
C PHE B 130 -6.11 -10.55 -3.92
N ASN B 131 -6.15 -11.88 -3.90
CA ASN B 131 -7.35 -12.63 -4.26
C ASN B 131 -7.56 -13.76 -3.28
N SER B 132 -8.54 -13.59 -2.41
CA SER B 132 -8.76 -14.62 -1.38
C SER B 132 -9.21 -15.93 -2.02
N ALA B 133 -10.03 -15.84 -3.06
CA ALA B 133 -10.51 -17.01 -3.67
C ALA B 133 -9.47 -17.88 -4.30
N THR B 134 -8.59 -17.21 -5.07
CA THR B 134 -7.54 -17.95 -5.75
CA THR B 134 -7.53 -17.92 -5.76
C THR B 134 -6.50 -18.42 -4.74
N THR B 135 -6.31 -17.66 -3.68
CA THR B 135 -5.45 -18.12 -2.58
C THR B 135 -5.97 -19.43 -1.96
N ILE B 136 -7.28 -19.48 -1.67
CA ILE B 136 -7.91 -20.69 -1.13
C ILE B 136 -7.72 -21.83 -2.08
N ASP B 137 -7.95 -21.59 -3.35
CA ASP B 137 -7.78 -22.68 -4.31
C ASP B 137 -6.35 -23.16 -4.40
N TYR B 138 -5.38 -22.23 -4.39
CA TYR B 138 -3.98 -22.59 -4.52
C TYR B 138 -3.59 -23.41 -3.33
N ALA B 139 -3.96 -22.94 -2.12
CA ALA B 139 -3.61 -23.62 -0.90
C ALA B 139 -4.19 -25.04 -0.91
N LYS B 140 -5.46 -25.18 -1.35
CA LYS B 140 -6.09 -26.50 -1.40
C LYS B 140 -5.43 -27.41 -2.42
N ARG B 141 -4.94 -26.85 -3.51
CA ARG B 141 -4.23 -27.66 -4.53
CA ARG B 141 -4.21 -27.64 -4.54
C ARG B 141 -2.91 -28.14 -3.98
N ILE B 142 -2.18 -27.33 -3.23
CA ILE B 142 -0.92 -27.75 -2.62
C ILE B 142 -1.24 -28.89 -1.65
N ILE B 143 -2.23 -28.74 -0.78
CA ILE B 143 -2.53 -29.80 0.17
C ILE B 143 -2.94 -31.08 -0.56
N ALA B 144 -3.75 -30.94 -1.61
CA ALA B 144 -4.20 -32.14 -2.33
C ALA B 144 -3.00 -32.87 -2.92
N ARG B 145 -2.01 -32.14 -3.43
CA ARG B 145 -0.83 -32.75 -4.02
C ARG B 145 0.01 -33.44 -2.95
N TYR B 146 0.20 -32.82 -1.80
CA TYR B 146 0.82 -33.52 -0.72
C TYR B 146 0.06 -34.85 -0.38
N GLU B 147 -1.25 -34.78 -0.29
CA GLU B 147 -2.05 -35.93 0.14
CA GLU B 147 -2.10 -35.91 0.09
C GLU B 147 -1.96 -37.00 -0.92
N SER B 148 -1.95 -36.64 -2.19
CA SER B 148 -1.82 -37.64 -3.30
CA SER B 148 -1.82 -37.65 -3.25
C SER B 148 -0.47 -38.37 -3.18
N ASN B 149 0.54 -37.74 -2.66
CA ASN B 149 1.87 -38.30 -2.48
C ASN B 149 2.04 -38.94 -1.11
N GLY B 150 0.97 -39.16 -0.39
CA GLY B 150 0.95 -39.81 0.89
C GLY B 150 1.42 -39.05 2.12
N ILE B 151 1.45 -37.72 2.00
CA ILE B 151 1.79 -36.86 3.12
C ILE B 151 0.48 -36.28 3.72
N PRO B 152 0.25 -36.47 5.00
CA PRO B 152 -0.95 -35.97 5.58
C PRO B 152 -0.86 -34.44 5.77
N LYS B 153 -1.97 -33.75 5.73
CA LYS B 153 -1.95 -32.28 5.81
CA LYS B 153 -1.94 -32.29 5.79
C LYS B 153 -1.44 -31.76 7.12
N ASP B 154 -1.46 -32.56 8.20
CA ASP B 154 -0.94 -32.12 9.46
CA ASP B 154 -0.94 -32.11 9.49
C ASP B 154 0.58 -31.84 9.42
N ARG B 155 1.25 -32.34 8.39
CA ARG B 155 2.66 -32.05 8.28
C ARG B 155 3.02 -30.79 7.45
N VAL B 156 2.01 -30.07 7.01
CA VAL B 156 2.21 -28.94 6.08
C VAL B 156 1.61 -27.67 6.63
N LEU B 157 2.31 -26.58 6.41
CA LEU B 157 1.75 -25.21 6.58
C LEU B 157 1.76 -24.56 5.24
N ILE B 158 0.66 -23.87 4.90
CA ILE B 158 0.58 -23.09 3.66
C ILE B 158 0.97 -21.69 4.03
N LYS B 159 2.01 -21.16 3.37
CA LYS B 159 2.47 -19.80 3.58
C LYS B 159 1.73 -18.88 2.63
N ILE B 160 1.24 -17.78 3.24
CA ILE B 160 0.36 -16.81 2.59
C ILE B 160 0.81 -15.45 2.97
N ALA B 161 0.97 -14.52 2.03
CA ALA B 161 1.35 -13.13 2.43
C ALA B 161 0.21 -12.51 3.20
N ALA B 162 0.53 -11.84 4.30
CA ALA B 162 -0.44 -11.26 5.18
C ALA B 162 -1.01 -9.93 4.73
N THR B 163 -1.53 -9.95 3.48
CA THR B 163 -2.41 -8.90 3.03
C THR B 163 -3.81 -9.21 3.66
N TRP B 164 -4.74 -8.27 3.57
CA TRP B 164 -6.10 -8.55 4.06
C TRP B 164 -6.64 -9.80 3.36
N GLU B 165 -6.44 -9.87 2.05
CA GLU B 165 -6.96 -10.96 1.32
C GLU B 165 -6.37 -12.31 1.73
N GLY B 166 -5.09 -12.30 2.07
CA GLY B 166 -4.42 -13.51 2.53
C GLY B 166 -4.97 -13.96 3.88
N ILE B 167 -5.17 -12.98 4.75
CA ILE B 167 -5.73 -13.25 6.11
C ILE B 167 -7.16 -13.82 6.00
N LYS B 168 -7.96 -13.25 5.11
CA LYS B 168 -9.30 -13.73 4.92
C LYS B 168 -9.31 -15.13 4.35
N ALA B 169 -8.41 -15.44 3.44
CA ALA B 169 -8.25 -16.77 2.91
C ALA B 169 -7.86 -17.73 4.02
N ALA B 170 -6.88 -17.36 4.83
CA ALA B 170 -6.41 -18.22 5.91
C ALA B 170 -7.49 -18.49 6.91
N LYS B 171 -8.36 -17.51 7.14
CA LYS B 171 -9.48 -17.75 8.08
C LYS B 171 -10.31 -18.90 7.61
N LEU B 172 -10.64 -18.98 6.33
CA LEU B 172 -11.40 -20.06 5.77
C LEU B 172 -10.64 -21.33 5.76
N LEU B 173 -9.37 -21.31 5.34
CA LEU B 173 -8.56 -22.54 5.30
C LEU B 173 -8.44 -23.13 6.67
N GLN B 174 -8.23 -22.34 7.69
CA GLN B 174 -8.12 -22.86 9.10
C GLN B 174 -9.43 -23.54 9.50
N LYS B 175 -10.53 -22.92 9.17
CA LYS B 175 -11.86 -23.56 9.47
C LYS B 175 -11.96 -24.90 8.83
N GLU B 176 -11.34 -25.13 7.68
CA GLU B 176 -11.32 -26.39 6.93
CA GLU B 176 -11.38 -26.35 6.94
C GLU B 176 -10.16 -27.30 7.29
N GLY B 177 -9.42 -26.98 8.35
CA GLY B 177 -8.36 -27.83 8.80
C GLY B 177 -7.02 -27.76 8.11
N ILE B 178 -6.82 -26.69 7.34
CA ILE B 178 -5.53 -26.40 6.69
C ILE B 178 -4.80 -25.31 7.47
N ASN B 179 -3.67 -25.65 8.07
CA ASN B 179 -2.93 -24.72 8.92
C ASN B 179 -2.09 -23.83 7.98
N CYS B 180 -2.05 -22.58 8.37
CA CYS B 180 -1.42 -21.50 7.57
C CYS B 180 -0.32 -20.86 8.35
N ASN B 181 0.66 -20.38 7.59
CA ASN B 181 1.83 -19.61 8.04
C ASN B 181 1.72 -18.27 7.36
N LEU B 182 1.31 -17.25 8.12
CA LEU B 182 1.07 -15.93 7.56
C LEU B 182 2.39 -15.19 7.49
N THR B 183 2.83 -14.82 6.32
CA THR B 183 4.17 -14.31 6.13
C THR B 183 4.17 -12.83 5.69
N LEU B 184 5.38 -12.28 5.54
CA LEU B 184 5.51 -10.87 5.20
C LEU B 184 4.78 -10.00 6.18
N ILE B 185 4.99 -10.30 7.49
CA ILE B 185 4.43 -9.51 8.57
C ILE B 185 5.41 -8.46 9.06
N PHE B 186 5.04 -7.20 8.92
CA PHE B 186 5.86 -6.03 9.23
C PHE B 186 5.26 -5.13 10.26
N ASP B 187 4.05 -5.35 10.77
CA ASP B 187 3.34 -4.44 11.60
C ASP B 187 2.60 -5.23 12.68
N LYS B 188 2.50 -4.64 13.87
CA LYS B 188 1.88 -5.32 15.01
C LYS B 188 0.43 -5.49 14.82
N ALA B 189 -0.28 -4.49 14.32
CA ALA B 189 -1.71 -4.63 14.02
C ALA B 189 -1.99 -5.62 12.96
N GLN B 190 -1.12 -5.73 11.98
CA GLN B 190 -1.19 -6.75 11.02
C GLN B 190 -1.11 -8.16 11.63
N ALA B 191 -0.15 -8.36 12.53
CA ALA B 191 -0.07 -9.59 13.29
C ALA B 191 -1.29 -9.90 14.16
N LYS B 192 -1.80 -8.82 14.79
CA LYS B 192 -3.02 -8.98 15.59
C LYS B 192 -4.19 -9.51 14.75
N ALA B 193 -4.37 -8.98 13.54
CA ALA B 193 -5.41 -9.47 12.69
C ALA B 193 -5.27 -10.91 12.31
N CYS B 194 -4.02 -11.33 12.07
CA CYS B 194 -3.78 -12.71 11.81
C CYS B 194 -4.22 -13.63 12.98
N ALA B 195 -3.87 -13.19 14.20
CA ALA B 195 -4.24 -13.98 15.32
C ALA B 195 -5.75 -14.03 15.53
N GLU B 196 -6.41 -12.91 15.20
CA GLU B 196 -7.84 -12.81 15.25
C GLU B 196 -8.50 -13.75 14.32
N ALA B 197 -7.81 -14.13 13.20
CA ALA B 197 -8.36 -15.05 12.27
C ALA B 197 -8.11 -16.47 12.60
N GLY B 198 -7.38 -16.68 13.71
CA GLY B 198 -7.16 -18.05 14.12
C GLY B 198 -6.08 -18.84 13.40
N VAL B 199 -5.16 -18.09 12.79
CA VAL B 199 -4.12 -18.77 12.08
C VAL B 199 -3.19 -19.54 12.96
N TYR B 200 -2.62 -20.58 12.42
CA TYR B 200 -1.74 -21.44 13.18
C TYR B 200 -0.46 -20.71 13.60
N LEU B 201 0.13 -19.98 12.68
CA LEU B 201 1.44 -19.38 12.86
C LEU B 201 1.65 -18.15 12.06
N VAL B 202 2.38 -17.21 12.62
CA VAL B 202 2.77 -15.99 11.95
C VAL B 202 4.26 -15.89 11.87
N SER B 203 4.74 -15.32 10.77
CA SER B 203 6.15 -15.11 10.54
C SER B 203 6.47 -13.63 10.43
N PRO B 204 6.57 -12.91 11.58
CA PRO B 204 6.99 -11.54 11.56
C PRO B 204 8.42 -11.48 11.13
N PHE B 205 8.77 -10.57 10.23
CA PHE B 205 10.10 -10.39 9.70
C PHE B 205 10.95 -9.51 10.57
N VAL B 206 12.22 -9.82 10.64
CA VAL B 206 13.26 -9.08 11.34
C VAL B 206 14.13 -8.37 10.33
N GLY B 207 14.90 -9.13 9.52
CA GLY B 207 15.89 -8.60 8.68
C GLY B 207 15.49 -7.56 7.72
N ARG B 208 14.38 -7.76 7.05
CA ARG B 208 13.91 -6.75 6.09
C ARG B 208 13.54 -5.47 6.75
N ILE B 209 13.06 -5.49 7.99
CA ILE B 209 12.81 -4.22 8.74
C ILE B 209 14.17 -3.55 9.02
N THR B 210 15.17 -4.34 9.44
CA THR B 210 16.52 -3.73 9.70
C THR B 210 17.05 -3.17 8.41
N ASP B 211 16.79 -3.80 7.28
CA ASP B 211 17.27 -3.32 5.99
C ASP B 211 16.67 -1.96 5.73
N TRP B 212 15.37 -1.78 5.93
CA TRP B 212 14.71 -0.49 5.79
C TRP B 212 15.30 0.52 6.70
N GLN B 213 15.47 0.20 7.97
CA GLN B 213 16.09 1.11 8.94
C GLN B 213 17.46 1.56 8.50
N MET B 214 18.26 0.66 8.02
CA MET B 214 19.64 1.02 7.59
C MET B 214 19.56 1.90 6.34
N GLN B 215 18.72 1.58 5.38
CA GLN B 215 18.57 2.40 4.23
C GLN B 215 18.06 3.79 4.57
N GLN B 216 17.18 3.93 5.55
CA GLN B 216 16.56 5.24 5.86
C GLN B 216 17.60 6.25 6.19
N ASN B 217 18.64 5.85 6.87
CA ASN B 217 19.68 6.83 7.30
C ASN B 217 21.04 6.46 6.83
N ASN B 218 21.10 5.70 5.74
CA ASN B 218 22.39 5.33 5.12
CA ASN B 218 22.32 5.24 5.08
C ASN B 218 23.33 4.75 6.13
N LEU B 219 22.85 3.84 6.97
CA LEU B 219 23.68 3.26 7.98
C LEU B 219 24.58 2.21 7.34
N LYS B 220 25.81 2.29 7.76
CA LYS B 220 26.92 1.49 7.29
C LYS B 220 27.14 0.24 8.14
N THR B 221 26.58 0.20 9.36
CA THR B 221 26.71 -0.92 10.22
C THR B 221 25.34 -1.24 10.80
N PHE B 222 25.15 -2.48 11.25
CA PHE B 222 23.89 -2.87 11.80
C PHE B 222 23.68 -2.08 13.08
N PRO B 223 22.47 -1.81 13.41
CA PRO B 223 22.18 -1.12 14.64
C PRO B 223 22.45 -1.99 15.83
N ALA B 224 22.64 -1.35 16.97
CA ALA B 224 22.74 -2.11 18.16
C ALA B 224 21.42 -2.90 18.31
N ILE B 225 21.48 -4.06 18.94
CA ILE B 225 20.24 -4.89 19.15
C ILE B 225 19.14 -4.16 19.79
N ALA B 226 19.39 -3.31 20.81
CA ALA B 226 18.33 -2.61 21.46
C ALA B 226 17.63 -1.62 20.57
N ASP B 227 18.33 -1.22 19.52
CA ASP B 227 17.89 -0.23 18.55
C ASP B 227 17.47 -0.82 17.21
N ASP B 228 17.46 -2.15 17.11
CA ASP B 228 17.14 -2.83 15.87
C ASP B 228 15.65 -2.95 15.68
N ASP B 229 15.17 -2.21 14.68
CA ASP B 229 13.69 -2.11 14.48
C ASP B 229 13.12 -3.47 14.20
N GLY B 230 13.86 -4.33 13.53
CA GLY B 230 13.28 -5.67 13.23
C GLY B 230 13.18 -6.53 14.45
N VAL B 231 14.24 -6.55 15.24
CA VAL B 231 14.15 -7.31 16.52
C VAL B 231 13.05 -6.78 17.39
N ASN B 232 12.97 -5.44 17.49
CA ASN B 232 11.93 -4.87 18.32
C ASN B 232 10.55 -5.16 17.82
N SER B 233 10.36 -5.28 16.49
CA SER B 233 9.04 -5.63 15.93
C SER B 233 8.61 -7.01 16.40
N VAL B 234 9.45 -8.00 16.34
CA VAL B 234 9.10 -9.33 16.85
C VAL B 234 8.91 -9.33 18.33
N LYS B 235 9.70 -8.59 19.10
CA LYS B 235 9.53 -8.53 20.55
C LYS B 235 8.14 -7.99 20.84
N ALA B 236 7.71 -6.97 20.10
CA ALA B 236 6.42 -6.35 20.37
C ALA B 236 5.28 -7.29 20.04
N ILE B 237 5.38 -8.04 18.95
CA ILE B 237 4.34 -9.01 18.61
C ILE B 237 4.28 -10.10 19.61
N TYR B 238 5.42 -10.60 20.01
CA TYR B 238 5.48 -11.62 21.08
C TYR B 238 4.78 -11.16 22.30
N LYS B 239 5.10 -9.97 22.76
CA LYS B 239 4.50 -9.44 23.99
CA LYS B 239 4.48 -9.46 23.98
C LYS B 239 2.99 -9.30 23.83
N LEU B 240 2.52 -8.83 22.71
CA LEU B 240 1.10 -8.69 22.44
C LEU B 240 0.45 -10.04 22.52
N TYR B 241 1.01 -11.03 21.83
CA TYR B 241 0.36 -12.34 21.81
C TYR B 241 0.33 -12.95 23.18
N LYS B 242 1.39 -12.90 23.91
CA LYS B 242 1.35 -13.54 25.23
C LYS B 242 0.48 -12.82 26.22
N SER B 243 0.47 -11.50 26.24
CA SER B 243 -0.39 -10.77 27.18
C SER B 243 -1.84 -10.96 26.86
N HIS B 244 -2.16 -11.12 25.59
CA HIS B 244 -3.57 -11.29 25.11
C HIS B 244 -3.97 -12.71 25.06
N GLY B 245 -3.08 -13.66 25.28
CA GLY B 245 -3.40 -15.06 25.24
C GLY B 245 -3.67 -15.64 23.85
N PHE B 246 -3.23 -14.94 22.78
CA PHE B 246 -3.37 -15.50 21.47
C PHE B 246 -2.51 -16.77 21.40
N LYS B 247 -3.04 -17.81 20.74
CA LYS B 247 -2.40 -19.08 20.68
C LYS B 247 -1.63 -19.31 19.36
N THR B 248 -1.75 -18.39 18.42
CA THR B 248 -0.96 -18.48 17.22
C THR B 248 0.53 -18.45 17.59
N ILE B 249 1.31 -19.29 16.89
CA ILE B 249 2.71 -19.40 17.09
C ILE B 249 3.42 -18.20 16.51
N VAL B 250 4.31 -17.60 17.28
CA VAL B 250 5.13 -16.49 16.82
C VAL B 250 6.46 -17.05 16.28
N MET B 251 6.71 -16.97 14.99
CA MET B 251 7.99 -17.46 14.37
C MET B 251 8.73 -16.33 13.75
N GLY B 252 9.76 -15.80 14.39
CA GLY B 252 10.61 -14.83 13.75
C GLY B 252 11.27 -15.37 12.52
N ALA B 253 11.31 -14.56 11.47
CA ALA B 253 11.86 -14.94 10.17
C ALA B 253 12.61 -13.78 9.62
N SER B 254 13.47 -14.03 8.63
CA SER B 254 14.26 -13.00 7.92
C SER B 254 15.39 -12.51 8.84
N PHE B 255 16.60 -13.02 8.66
CA PHE B 255 17.72 -12.65 9.51
C PHE B 255 18.91 -12.26 8.70
N ARG B 256 19.58 -11.24 9.19
CA ARG B 256 20.78 -10.73 8.52
C ARG B 256 22.06 -11.12 9.23
N ASN B 257 21.98 -11.36 10.52
CA ASN B 257 23.13 -11.73 11.30
C ASN B 257 22.72 -12.55 12.47
N VAL B 258 23.67 -13.31 12.98
CA VAL B 258 23.39 -14.26 14.02
C VAL B 258 22.96 -13.57 15.31
N GLU B 259 23.40 -12.34 15.55
CA GLU B 259 23.08 -11.58 16.76
CA GLU B 259 23.05 -11.63 16.79
C GLU B 259 21.55 -11.27 16.81
N GLN B 260 20.94 -11.09 15.64
CA GLN B 260 19.49 -10.87 15.57
C GLN B 260 18.73 -12.10 16.03
N VAL B 261 19.23 -13.30 15.66
CA VAL B 261 18.56 -14.53 16.05
C VAL B 261 18.73 -14.72 17.58
N ILE B 262 19.98 -14.56 18.06
CA ILE B 262 20.28 -14.70 19.48
C ILE B 262 19.42 -13.75 20.35
N ALA B 263 19.15 -12.56 19.82
CA ALA B 263 18.35 -11.55 20.49
C ALA B 263 16.95 -11.99 20.78
N LEU B 264 16.46 -12.95 20.02
CA LEU B 264 15.09 -13.37 20.15
C LEU B 264 14.96 -14.76 20.79
N ALA B 265 16.03 -15.25 21.42
CA ALA B 265 15.94 -16.53 22.11
C ALA B 265 14.77 -16.53 23.11
N GLY B 266 14.00 -17.58 23.07
CA GLY B 266 12.78 -17.66 23.84
C GLY B 266 11.51 -17.47 23.02
N CYS B 267 11.68 -16.94 21.82
CA CYS B 267 10.52 -16.75 20.90
C CYS B 267 9.95 -18.12 20.70
N ASP B 268 8.66 -18.27 20.40
CA ASP B 268 8.07 -19.54 20.19
C ASP B 268 8.83 -20.43 19.19
N ALA B 269 9.19 -19.80 18.09
CA ALA B 269 9.93 -20.41 16.98
C ALA B 269 10.75 -19.35 16.29
N LEU B 270 11.83 -19.78 15.64
CA LEU B 270 12.68 -18.90 14.82
C LEU B 270 13.06 -19.72 13.62
N THR B 271 12.83 -19.20 12.40
CA THR B 271 13.28 -19.86 11.16
C THR B 271 14.52 -19.19 10.64
N ILE B 272 15.53 -19.99 10.41
CA ILE B 272 16.96 -19.55 10.32
C ILE B 272 17.66 -20.20 9.13
N SER B 273 18.38 -19.40 8.36
CA SER B 273 19.10 -19.95 7.24
C SER B 273 20.12 -20.97 7.63
N PRO B 274 20.49 -21.82 6.67
CA PRO B 274 21.57 -22.81 6.97
C PRO B 274 22.86 -22.11 7.37
N VAL B 275 23.24 -21.00 6.76
CA VAL B 275 24.45 -20.27 7.13
C VAL B 275 24.39 -19.86 8.60
N LEU B 276 23.23 -19.28 9.03
CA LEU B 276 23.16 -18.81 10.41
C LEU B 276 22.99 -19.95 11.38
N LEU B 277 22.35 -21.03 10.98
CA LEU B 277 22.33 -22.23 11.85
C LEU B 277 23.74 -22.75 12.12
N GLU B 278 24.57 -22.71 11.07
CA GLU B 278 25.98 -23.13 11.23
C GLU B 278 26.69 -22.19 12.16
N GLU B 279 26.44 -20.89 12.03
CA GLU B 279 27.05 -19.93 12.97
C GLU B 279 26.64 -20.20 14.40
N LEU B 280 25.38 -20.54 14.61
CA LEU B 280 24.97 -20.85 15.95
C LEU B 280 25.56 -22.16 16.48
N LYS B 281 25.74 -23.13 15.62
CA LYS B 281 26.27 -24.45 15.98
C LYS B 281 27.72 -24.29 16.45
N ASN B 282 28.43 -23.27 15.90
CA ASN B 282 29.86 -23.16 16.17
C ASN B 282 30.15 -22.17 17.24
N ARG B 283 29.16 -21.68 17.96
CA ARG B 283 29.53 -20.81 19.06
C ARG B 283 28.98 -21.38 20.37
N ASP B 284 29.71 -21.18 21.45
CA ASP B 284 29.25 -21.84 22.69
C ASP B 284 29.14 -20.97 23.94
N GLU B 285 29.03 -19.68 23.76
CA GLU B 285 28.79 -18.85 24.91
C GLU B 285 27.43 -19.12 25.46
N HIS B 286 27.23 -18.58 26.64
CA HIS B 286 25.92 -18.62 27.23
C HIS B 286 24.90 -17.83 26.43
N LEU B 287 23.75 -18.45 26.13
CA LEU B 287 22.68 -17.82 25.47
C LEU B 287 21.66 -17.23 26.54
N GLU B 288 21.47 -15.94 26.55
CA GLU B 288 20.54 -15.37 27.51
C GLU B 288 19.17 -15.44 26.90
N VAL B 289 18.24 -16.05 27.60
CA VAL B 289 16.84 -16.12 27.14
C VAL B 289 16.18 -14.77 27.35
N LYS B 290 15.74 -14.13 26.23
CA LYS B 290 15.23 -12.79 26.23
C LYS B 290 13.71 -12.69 26.24
N LEU B 291 13.05 -13.67 25.62
CA LEU B 291 11.61 -13.67 25.52
CA LEU B 291 11.60 -13.67 25.53
C LEU B 291 11.04 -14.80 26.37
N THR B 292 10.21 -14.41 27.37
CA THR B 292 9.63 -15.45 28.26
C THR B 292 8.12 -15.29 28.35
N GLN B 303 -12.76 -6.40 17.40
CA GLN B 303 -11.88 -7.04 16.43
C GLN B 303 -11.53 -6.04 15.29
N ILE B 304 -10.43 -6.32 14.60
CA ILE B 304 -9.97 -5.47 13.55
C ILE B 304 -10.78 -5.77 12.30
N SER B 305 -11.49 -4.76 11.79
CA SER B 305 -12.21 -4.88 10.56
C SER B 305 -11.28 -4.68 9.36
N GLU B 306 -11.75 -4.92 8.13
CA GLU B 306 -10.96 -4.66 6.98
C GLU B 306 -10.55 -3.20 6.94
N ALA B 307 -11.47 -2.26 7.13
CA ALA B 307 -11.10 -0.88 7.09
C ALA B 307 -10.10 -0.54 8.15
N ASP B 308 -10.23 -1.14 9.34
CA ASP B 308 -9.30 -0.87 10.42
C ASP B 308 -7.90 -1.32 10.02
N PHE B 309 -7.84 -2.54 9.47
CA PHE B 309 -6.57 -3.15 9.07
C PHE B 309 -5.89 -2.28 8.02
N ARG B 310 -6.65 -1.86 7.03
CA ARG B 310 -6.09 -1.10 5.94
C ARG B 310 -5.57 0.26 6.45
N TRP B 311 -6.31 0.89 7.36
CA TRP B 311 -5.84 2.10 7.96
C TRP B 311 -4.57 1.92 8.75
N LEU B 312 -4.51 0.91 9.58
CA LEU B 312 -3.31 0.70 10.46
C LEU B 312 -2.08 0.39 9.61
N MET B 313 -2.25 -0.42 8.55
CA MET B 313 -1.16 -0.63 7.60
CA MET B 313 -1.12 -0.64 7.69
C MET B 313 -0.72 0.62 6.93
N ASN B 314 -1.63 1.48 6.53
CA ASN B 314 -1.30 2.69 5.86
C ASN B 314 -0.50 3.66 6.74
N GLU B 315 -0.73 3.58 8.06
CA GLU B 315 0.02 4.42 8.99
C GLU B 315 1.47 4.01 9.10
N ASN B 316 1.82 2.80 8.65
CA ASN B 316 3.18 2.22 8.74
C ASN B 316 3.83 2.29 7.38
N ALA B 317 4.64 3.31 7.12
CA ALA B 317 5.22 3.49 5.82
C ALA B 317 6.10 2.26 5.46
N MET B 318 6.90 1.82 6.41
CA MET B 318 7.76 0.67 6.19
C MET B 318 6.97 -0.56 5.85
N ALA B 319 5.91 -0.86 6.63
CA ALA B 319 5.16 -2.08 6.37
C ALA B 319 4.47 -2.04 5.05
N THR B 320 3.92 -0.87 4.69
CA THR B 320 3.24 -0.69 3.38
C THR B 320 4.27 -0.97 2.27
N HIS B 321 5.46 -0.43 2.34
CA HIS B 321 6.41 -0.66 1.29
C HIS B 321 6.92 -2.12 1.24
N LYS B 322 7.22 -2.64 2.44
CA LYS B 322 7.87 -3.92 2.47
C LYS B 322 6.98 -5.10 2.19
N LEU B 323 5.72 -5.03 2.56
CA LEU B 323 4.73 -6.02 2.14
C LEU B 323 4.62 -6.07 0.62
N ALA B 324 4.43 -4.87 0.02
CA ALA B 324 4.29 -4.78 -1.42
C ALA B 324 5.54 -5.30 -2.13
N GLU B 325 6.69 -4.86 -1.66
CA GLU B 325 7.99 -5.26 -2.22
C GLU B 325 8.13 -6.78 -2.14
N GLY B 326 7.77 -7.38 -1.00
CA GLY B 326 7.94 -8.86 -0.88
C GLY B 326 7.13 -9.58 -1.90
N ILE B 327 5.92 -9.17 -2.12
CA ILE B 327 5.07 -9.78 -3.12
C ILE B 327 5.66 -9.58 -4.52
N ARG B 328 6.11 -8.37 -4.84
CA ARG B 328 6.78 -8.16 -6.16
C ARG B 328 7.98 -9.05 -6.34
N LEU B 329 8.84 -9.15 -5.34
CA LEU B 329 10.10 -9.88 -5.48
C LEU B 329 9.84 -11.35 -5.56
N PHE B 330 8.91 -11.90 -4.75
CA PHE B 330 8.60 -13.31 -4.85
C PHE B 330 7.98 -13.63 -6.19
N THR B 331 7.16 -12.72 -6.74
CA THR B 331 6.59 -12.92 -8.07
C THR B 331 7.69 -13.03 -9.12
N LYS B 332 8.69 -12.18 -9.02
CA LYS B 332 9.80 -12.23 -9.97
CA LYS B 332 9.81 -12.21 -9.97
C LYS B 332 10.49 -13.57 -9.90
N ASP B 333 10.72 -14.08 -8.69
CA ASP B 333 11.34 -15.40 -8.55
C ASP B 333 10.45 -16.55 -9.05
N THR B 334 9.15 -16.48 -8.94
CA THR B 334 8.23 -17.49 -9.41
C THR B 334 8.21 -17.48 -10.94
N ILE B 335 8.24 -16.29 -11.52
CA ILE B 335 8.35 -16.17 -13.00
C ILE B 335 9.64 -16.76 -13.43
N GLU B 336 10.75 -16.54 -12.75
CA GLU B 336 12.04 -17.18 -13.12
C GLU B 336 11.88 -18.70 -12.99
N LEU B 337 11.24 -19.21 -11.97
CA LEU B 337 11.07 -20.61 -11.87
C LEU B 337 10.24 -21.17 -13.02
N GLU B 338 9.17 -20.48 -13.38
CA GLU B 338 8.36 -20.90 -14.51
C GLU B 338 9.16 -20.92 -15.76
N ASN B 339 10.05 -19.97 -15.96
CA ASN B 339 10.90 -19.97 -17.16
C ASN B 339 11.82 -21.17 -17.15
N ILE B 340 12.33 -21.56 -16.03
CA ILE B 340 13.17 -22.79 -15.94
C ILE B 340 12.33 -24.01 -16.26
N ILE B 341 11.11 -24.07 -15.74
CA ILE B 341 10.24 -25.21 -16.06
C ILE B 341 10.00 -25.27 -17.55
N LYS B 342 9.70 -24.14 -18.17
CA LYS B 342 9.44 -24.09 -19.64
C LYS B 342 10.62 -24.56 -20.46
N GLN B 343 11.84 -24.20 -20.04
CA GLN B 343 13.04 -24.62 -20.77
CA GLN B 343 13.06 -24.61 -20.75
C GLN B 343 13.30 -26.10 -20.63
N ASN B 344 12.70 -26.73 -19.63
CA ASN B 344 12.87 -28.17 -19.45
C ASN B 344 11.70 -29.07 -19.78
N LEU B 345 10.73 -28.56 -20.53
CA LEU B 345 9.55 -29.35 -20.89
C LEU B 345 9.86 -30.31 -22.06
O1 P6G C . -6.68 19.96 -32.21
C2 P6G C . -7.66 21.00 -32.30
C3 P6G C . -7.47 21.88 -31.08
O4 P6G C . -6.40 22.80 -31.32
C5 P6G C . -5.23 22.42 -30.67
C6 P6G C . -4.20 23.50 -30.86
O7 P6G C . -4.61 24.72 -30.22
C8 P6G C . -3.74 25.75 -30.69
C9 P6G C . -4.00 26.97 -29.88
O10 P6G C . -5.34 27.33 -30.11
C11 P6G C . -5.58 28.61 -29.49
C12 P6G C . -7.09 28.87 -29.50
O13 P6G C . -7.67 27.81 -28.70
C14 P6G C . -9.07 28.07 -28.50
C15 P6G C . -9.67 26.95 -27.65
O16 P6G C . -9.45 25.70 -28.32
C17 P6G C . -9.60 24.66 -27.32
C18 P6G C . -9.03 23.35 -27.86
O19 P6G C . -7.60 23.40 -27.99
C1 A5P D . -6.15 18.21 -4.75
C2 A5P D . -4.99 19.18 -4.83
O2 A5P D . -5.26 20.23 -3.86
C3 A5P D . -3.70 18.40 -4.53
O3 A5P D . -3.78 17.85 -3.17
C4 A5P D . -2.46 19.27 -4.65
O4 A5P D . -2.42 19.69 -6.02
C5 A5P D . -1.20 18.49 -4.34
O5 A5P D . -0.08 19.38 -4.46
P A5P D . 1.32 19.06 -3.70
O1P A5P D . 1.84 17.76 -4.19
O2P A5P D . 2.18 20.30 -4.09
O3P A5P D . 0.98 18.96 -2.21
C1 PGE E . -8.66 6.34 13.24
O1 PGE E . -8.93 6.21 11.83
C2 PGE E . -8.77 7.77 13.80
O2 PGE E . -10.12 8.25 14.05
C3 PGE E . -10.22 9.66 14.42
C4 PGE E . -11.49 10.46 13.98
O4 PGE E . -15.02 10.70 10.79
C6 PGE E . -13.56 10.78 10.84
C5 PGE E . -12.88 11.19 12.15
O3 PGE E . -11.99 10.18 12.66
C1 PEG F . -12.43 27.30 -20.04
O1 PEG F . -13.28 26.42 -19.29
C2 PEG F . -11.27 26.56 -20.74
O2 PEG F . -11.72 25.59 -21.69
C3 PEG F . -11.08 25.69 -22.96
C4 PEG F . -11.28 24.40 -23.75
O4 PEG F . -12.34 24.56 -24.71
C1 PGE G . 6.73 0.93 17.08
O1 PGE G . 7.23 1.80 18.09
C2 PGE G . 7.37 1.29 15.75
O2 PGE G . 6.38 1.24 14.72
C3 PGE G . 6.90 1.67 13.47
C4 PGE G . 5.94 2.69 12.89
O4 PGE G . 2.24 4.82 13.46
C6 PGE G . 3.53 4.47 12.93
C5 PGE G . 3.58 2.98 12.59
O3 PGE G . 4.64 2.31 13.30
C1 A5P H . 8.87 -17.54 5.15
C2 A5P H . 10.43 -17.46 5.13
O2 A5P H . 10.94 -18.39 4.22
C3 A5P H . 10.77 -16.02 4.81
O3 A5P H . 10.33 -15.73 3.45
C4 A5P H . 12.26 -15.73 4.89
O4 A5P H . 12.66 -16.00 6.22
C5 A5P H . 12.57 -14.29 4.56
O5 A5P H . 13.99 -14.07 4.64
P A5P H . 14.68 -12.98 3.70
O1P A5P H . 14.21 -11.63 4.18
O2P A5P H . 14.27 -13.22 2.29
O3P A5P H . 16.22 -13.17 3.99
C1 PEG I . 10.82 -25.42 22.65
O1 PEG I . 10.35 -25.28 23.98
C2 PEG I . 10.99 -26.87 22.23
O2 PEG I . 10.46 -27.03 20.90
C3 PEG I . 10.32 -28.40 20.52
C4 PEG I . 8.85 -28.78 20.53
O4 PEG I . 8.17 -28.22 19.39
#